data_4QPJ
#
_entry.id   4QPJ
#
_cell.length_a   124.951
_cell.length_b   124.951
_cell.length_c   136.332
_cell.angle_alpha   90.00
_cell.angle_beta   90.00
_cell.angle_gamma   120.00
#
_symmetry.space_group_name_H-M   'P 32 2 1'
#
loop_
_entity.id
_entity.type
_entity.pdbx_description
1 polymer Phosphotransferase
2 polymer 'Cell cycle response regulator CtrA'
3 non-polymer GLYCEROL
4 non-polymer 'SODIUM ION'
5 non-polymer 'CALCIUM ION'
6 non-polymer 'CHLORIDE ION'
7 non-polymer 'MAGNESIUM ION'
8 water water
#
loop_
_entity_poly.entity_id
_entity_poly.type
_entity_poly.pdbx_seq_one_letter_code
_entity_poly.pdbx_strand_id
1 'polypeptide(L)'
;MGSSHHHHHHSSGLVPRGSHMASMTGGQQMGRGSMSLPVTLSALDLGALLCSRICHDIISPIGAINNGLELLEEGGADED
AMALIKSSARNASARLQFARIAFGAAGSAGVQIDTGDAQNVATEYFRNEKPEFTWEGARVLLPKNKVKLLLNMLLIGNGA
IPRGGSLAVRLEGSDTDPRFVITVKGRMLRVPPKFLELHSGAAPEEPIDAHSVQPYYTLLLAEEAGMKISIHATAEDIVF
SAE
;
A,B
2 'polypeptide(L)'
;MGSSHHHHHHSSGLVPRGSHMASMTGGQQMGRGSMRVLLIEDDSAIAQSIELMLKSESFNVYTTDLGEEGIDLGKLYDYD
IILLDLNLPDMSGYEVLRTLRLSKVKTPILILSGMAGIEDKVRGLGFGADDYMTKPFHKDELIARIHAIVRR
;
C,D
#
# COMPACT_ATOMS: atom_id res chain seq x y z
N SER A 36 -21.35 -19.94 10.43
CA SER A 36 -20.96 -18.69 11.06
C SER A 36 -19.50 -18.72 11.54
N LEU A 37 -18.86 -17.56 11.62
CA LEU A 37 -17.40 -17.50 11.82
C LEU A 37 -16.96 -17.97 13.21
N PRO A 38 -16.07 -18.98 13.25
CA PRO A 38 -15.56 -19.68 14.43
C PRO A 38 -14.60 -18.86 15.32
N VAL A 39 -14.07 -17.76 14.79
CA VAL A 39 -13.20 -16.85 15.53
C VAL A 39 -13.63 -15.42 15.21
N THR A 40 -13.53 -14.52 16.18
CA THR A 40 -13.79 -13.11 15.89
C THR A 40 -12.54 -12.28 16.16
N LEU A 41 -12.05 -11.57 15.16
CA LEU A 41 -10.87 -10.72 15.35
C LEU A 41 -11.27 -9.35 15.90
N SER A 42 -10.54 -8.89 16.90
CA SER A 42 -10.75 -7.54 17.39
C SER A 42 -10.49 -6.52 16.28
N ALA A 43 -11.01 -5.30 16.42
CA ALA A 43 -10.69 -4.24 15.45
C ALA A 43 -9.18 -4.00 15.30
N LEU A 44 -8.43 -4.01 16.40
CA LEU A 44 -6.99 -3.82 16.34
C LEU A 44 -6.30 -4.90 15.51
N ASP A 45 -6.83 -6.11 15.58
CA ASP A 45 -6.23 -7.26 14.89
C ASP A 45 -6.59 -7.29 13.42
N LEU A 46 -7.87 -7.10 13.11
CA LEU A 46 -8.29 -7.10 11.71
C LEU A 46 -7.57 -5.97 10.98
N GLY A 47 -7.54 -4.80 11.61
CA GLY A 47 -6.95 -3.64 10.98
C GLY A 47 -5.48 -3.83 10.71
N ALA A 48 -4.77 -4.35 11.71
CA ALA A 48 -3.34 -4.57 11.59
C ALA A 48 -3.04 -5.65 10.53
N LEU A 49 -3.78 -6.76 10.56
CA LEU A 49 -3.56 -7.80 9.57
C LEU A 49 -3.88 -7.33 8.14
N LEU A 50 -5.00 -6.62 7.94
CA LEU A 50 -5.36 -6.15 6.59
C LEU A 50 -4.27 -5.26 5.99
N CYS A 51 -3.75 -4.33 6.80
CA CYS A 51 -2.64 -3.46 6.39
C CYS A 51 -1.37 -4.25 6.12
N SER A 52 -1.10 -5.27 6.93
CA SER A 52 0.06 -6.11 6.72
C SER A 52 -0.03 -6.70 5.34
N ARG A 53 -1.23 -7.21 5.02
CA ARG A 53 -1.48 -7.83 3.74
C ARG A 53 -1.33 -6.87 2.55
N ILE A 54 -1.91 -5.67 2.64
CA ILE A 54 -1.75 -4.69 1.56
C ILE A 54 -0.29 -4.32 1.38
N CYS A 55 0.40 -4.02 2.47
CA CYS A 55 1.81 -3.64 2.37
C CYS A 55 2.61 -4.73 1.69
N HIS A 56 2.44 -5.96 2.13
CA HIS A 56 3.10 -7.11 1.52
C HIS A 56 2.88 -7.12 0.00
N ASP A 57 1.61 -7.04 -0.43
CA ASP A 57 1.29 -7.23 -1.84
C ASP A 57 1.78 -6.06 -2.72
N ILE A 58 1.88 -4.86 -2.16
CA ILE A 58 2.31 -3.73 -2.96
C ILE A 58 3.83 -3.54 -2.88
N ILE A 59 4.42 -3.81 -1.72
CA ILE A 59 5.89 -3.81 -1.57
C ILE A 59 6.64 -4.67 -2.63
N SER A 60 6.08 -5.82 -3.02
CA SER A 60 6.78 -6.71 -3.97
C SER A 60 7.15 -6.00 -5.29
N PRO A 61 6.15 -5.47 -6.04
CA PRO A 61 6.60 -4.71 -7.22
C PRO A 61 7.41 -3.47 -6.88
N ILE A 62 7.10 -2.76 -5.79
CA ILE A 62 7.82 -1.53 -5.47
C ILE A 62 9.29 -1.85 -5.22
N GLY A 63 9.54 -2.94 -4.48
CA GLY A 63 10.89 -3.38 -4.21
C GLY A 63 11.61 -3.79 -5.49
N ALA A 64 10.90 -4.51 -6.36
CA ALA A 64 11.44 -4.90 -7.66
C ALA A 64 11.82 -3.68 -8.51
N ILE A 65 11.04 -2.60 -8.38
CA ILE A 65 11.34 -1.36 -9.11
C ILE A 65 12.67 -0.77 -8.64
N ASN A 66 12.86 -0.65 -7.34
CA ASN A 66 14.12 -0.12 -6.80
C ASN A 66 15.32 -0.98 -7.17
N ASN A 67 15.15 -2.30 -7.08
CA ASN A 67 16.17 -3.24 -7.53
C ASN A 67 16.56 -2.94 -8.98
N GLY A 68 15.56 -2.82 -9.85
CA GLY A 68 15.79 -2.44 -11.23
C GLY A 68 16.52 -1.11 -11.37
N LEU A 69 16.23 -0.15 -10.50
CA LEU A 69 16.88 1.16 -10.61
C LEU A 69 18.32 1.05 -10.17
N GLU A 70 18.59 0.18 -9.21
CA GLU A 70 19.93 -0.01 -8.71
C GLU A 70 20.82 -0.64 -9.80
N LEU A 71 20.23 -1.56 -10.56
CA LEU A 71 20.91 -2.22 -11.68
C LEU A 71 21.27 -1.26 -12.82
N LEU A 72 20.60 -0.10 -12.89
CA LEU A 72 20.90 0.85 -13.95
C LEU A 72 22.00 1.81 -13.54
N GLU A 73 22.18 2.00 -12.23
CA GLU A 73 23.30 2.79 -11.71
C GLU A 73 24.60 1.98 -11.72
N GLU A 74 24.55 0.81 -12.36
CA GLU A 74 25.72 -0.05 -12.56
C GLU A 74 26.00 -0.17 -14.05
N GLY A 75 25.38 -1.16 -14.68
CA GLY A 75 25.41 -1.33 -16.12
C GLY A 75 25.37 -2.80 -16.47
N GLY A 76 25.00 -3.13 -17.71
CA GLY A 76 25.12 -4.50 -18.16
C GLY A 76 23.79 -5.17 -18.42
N ALA A 77 22.78 -4.74 -17.69
CA ALA A 77 21.46 -5.36 -17.77
C ALA A 77 20.39 -4.33 -18.10
N ASP A 78 20.81 -3.23 -18.72
CA ASP A 78 19.94 -2.07 -18.94
C ASP A 78 18.59 -2.34 -19.61
N GLU A 79 18.52 -3.23 -20.60
CA GLU A 79 17.22 -3.50 -21.25
C GLU A 79 16.39 -4.47 -20.41
N ASP A 80 17.07 -5.36 -19.68
CA ASP A 80 16.39 -6.32 -18.80
C ASP A 80 15.86 -5.65 -17.52
N ALA A 81 16.62 -4.69 -17.01
CA ALA A 81 16.27 -3.92 -15.82
C ALA A 81 15.06 -3.03 -16.08
N MET A 82 15.09 -2.34 -17.22
CA MET A 82 14.02 -1.47 -17.62
C MET A 82 12.69 -2.23 -17.76
N ALA A 83 12.74 -3.44 -18.30
CA ALA A 83 11.52 -4.22 -18.50
C ALA A 83 10.92 -4.64 -17.17
N LEU A 84 11.80 -4.76 -16.18
CA LEU A 84 11.39 -5.16 -14.85
C LEU A 84 10.74 -3.98 -14.17
N ILE A 85 11.36 -2.80 -14.33
CA ILE A 85 10.84 -1.54 -13.83
C ILE A 85 9.46 -1.25 -14.42
N LYS A 86 9.32 -1.42 -15.73
CA LYS A 86 8.06 -1.10 -16.41
C LYS A 86 6.92 -2.01 -15.99
N SER A 87 7.15 -3.32 -15.95
CA SER A 87 6.04 -4.21 -15.59
C SER A 87 5.71 -4.10 -14.11
N SER A 88 6.73 -3.88 -13.29
CA SER A 88 6.48 -3.77 -11.87
C SER A 88 5.70 -2.50 -11.57
N ALA A 89 6.01 -1.41 -12.27
CA ALA A 89 5.26 -0.18 -12.09
C ALA A 89 3.81 -0.39 -12.48
N ARG A 90 3.58 -1.02 -13.62
CA ARG A 90 2.23 -1.28 -14.08
C ARG A 90 1.47 -2.14 -13.06
N ASN A 91 2.19 -3.04 -12.41
CA ASN A 91 1.58 -3.95 -11.47
C ASN A 91 1.33 -3.31 -10.10
N ALA A 92 2.29 -2.53 -9.60
CA ALA A 92 2.10 -1.75 -8.38
C ALA A 92 0.81 -0.96 -8.48
N SER A 93 0.67 -0.24 -9.58
CA SER A 93 -0.53 0.53 -9.87
C SER A 93 -1.81 -0.34 -9.92
N ALA A 94 -1.75 -1.51 -10.56
CA ALA A 94 -2.93 -2.38 -10.65
C ALA A 94 -3.33 -2.89 -9.26
N ARG A 95 -2.33 -3.20 -8.43
CA ARG A 95 -2.57 -3.69 -7.09
C ARG A 95 -3.10 -2.63 -6.16
N LEU A 96 -2.61 -1.40 -6.33
CA LEU A 96 -3.12 -0.24 -5.60
C LEU A 96 -4.59 0.03 -5.95
N GLN A 97 -4.93 0.00 -7.23
CA GLN A 97 -6.31 0.24 -7.66
C GLN A 97 -7.29 -0.82 -7.15
N PHE A 98 -6.85 -2.08 -7.21
CA PHE A 98 -7.67 -3.19 -6.74
C PHE A 98 -7.92 -3.07 -5.24
N ALA A 99 -6.86 -2.73 -4.50
CA ALA A 99 -6.94 -2.65 -3.05
C ALA A 99 -7.78 -1.45 -2.61
N ARG A 100 -7.78 -0.38 -3.41
CA ARG A 100 -8.65 0.78 -3.11
C ARG A 100 -10.11 0.41 -2.92
N ILE A 101 -10.61 -0.46 -3.81
CA ILE A 101 -11.98 -0.94 -3.70
C ILE A 101 -12.12 -2.18 -2.82
N ALA A 102 -11.27 -3.19 -3.06
CA ALA A 102 -11.45 -4.47 -2.36
C ALA A 102 -11.22 -4.37 -0.86
N PHE A 103 -10.31 -3.48 -0.45
CA PHE A 103 -9.97 -3.34 0.96
C PHE A 103 -10.32 -1.96 1.50
N GLY A 104 -10.09 -0.95 0.69
CA GLY A 104 -10.22 0.42 1.17
C GLY A 104 -11.56 1.12 1.09
N ALA A 105 -12.54 0.59 0.34
CA ALA A 105 -13.79 1.34 0.12
C ALA A 105 -14.62 1.43 1.38
N ALA A 106 -15.34 2.54 1.49
CA ALA A 106 -15.93 2.91 2.77
C ALA A 106 -17.15 3.81 2.58
N GLY A 107 -17.96 3.94 3.64
CA GLY A 107 -19.18 4.73 3.59
C GLY A 107 -20.41 3.85 3.74
N SER A 108 -21.59 4.45 3.69
CA SER A 108 -22.84 3.71 3.80
C SER A 108 -23.09 2.79 2.62
N ALA A 109 -24.09 1.92 2.75
CA ALA A 109 -24.51 1.04 1.67
C ALA A 109 -25.09 1.85 0.51
N GLY A 110 -25.20 3.16 0.71
CA GLY A 110 -25.67 4.08 -0.29
C GLY A 110 -24.54 4.54 -1.19
N VAL A 111 -23.30 4.45 -0.71
CA VAL A 111 -22.15 4.65 -1.58
C VAL A 111 -22.03 3.44 -2.49
N GLN A 112 -22.66 3.49 -3.65
CA GLN A 112 -22.75 2.32 -4.47
C GLN A 112 -21.58 2.20 -5.39
N ILE A 113 -21.31 1.00 -5.87
CA ILE A 113 -20.18 0.79 -6.77
C ILE A 113 -20.68 0.09 -8.02
N ASP A 114 -20.12 0.51 -9.13
CA ASP A 114 -20.49 0.01 -10.45
C ASP A 114 -19.67 -1.24 -10.76
N THR A 115 -20.31 -2.36 -11.08
CA THR A 115 -19.53 -3.56 -11.36
C THR A 115 -18.65 -3.43 -12.60
N GLY A 116 -18.91 -2.42 -13.43
CA GLY A 116 -18.03 -2.12 -14.54
C GLY A 116 -16.68 -1.63 -14.05
N ASP A 117 -16.70 -0.85 -12.96
CA ASP A 117 -15.49 -0.41 -12.28
C ASP A 117 -14.76 -1.59 -11.60
N ALA A 118 -15.53 -2.51 -10.99
CA ALA A 118 -14.97 -3.73 -10.43
C ALA A 118 -14.28 -4.54 -11.52
N GLN A 119 -14.97 -4.74 -12.64
CA GLN A 119 -14.42 -5.47 -13.75
C GLN A 119 -13.13 -4.83 -14.29
N ASN A 120 -13.06 -3.50 -14.25
CA ASN A 120 -11.84 -2.85 -14.73
C ASN A 120 -10.66 -3.07 -13.80
N VAL A 121 -10.79 -2.78 -12.50
CA VAL A 121 -9.65 -3.04 -11.59
C VAL A 121 -9.32 -4.53 -11.52
N ALA A 122 -10.32 -5.41 -11.58
CA ALA A 122 -10.05 -6.86 -11.59
C ALA A 122 -9.27 -7.32 -12.83
N THR A 123 -9.72 -6.90 -14.01
CA THR A 123 -9.06 -7.27 -15.28
C THR A 123 -7.61 -6.80 -15.31
N GLU A 124 -7.36 -5.60 -14.78
CA GLU A 124 -6.01 -5.05 -14.75
C GLU A 124 -5.12 -5.73 -13.69
N TYR A 125 -5.71 -6.04 -12.53
CA TYR A 125 -5.04 -6.87 -11.53
C TYR A 125 -4.58 -8.21 -12.10
N PHE A 126 -5.45 -8.87 -12.85
CA PHE A 126 -5.16 -10.23 -13.27
C PHE A 126 -4.25 -10.32 -14.49
N ARG A 127 -3.85 -9.20 -15.08
CA ARG A 127 -2.95 -9.28 -16.23
C ARG A 127 -1.68 -10.00 -15.82
N ASN A 128 -1.08 -9.60 -14.71
CA ASN A 128 0.14 -10.28 -14.30
C ASN A 128 -0.10 -11.44 -13.33
N GLU A 129 -1.35 -11.84 -13.15
CA GLU A 129 -1.58 -13.10 -12.41
C GLU A 129 -1.66 -14.28 -13.39
N LYS A 130 -1.57 -15.49 -12.88
CA LYS A 130 -1.44 -16.66 -13.73
C LYS A 130 -2.70 -17.02 -14.52
N PRO A 131 -3.88 -17.04 -13.87
CA PRO A 131 -4.99 -17.57 -14.70
C PRO A 131 -5.52 -16.65 -15.82
N GLU A 132 -6.18 -17.26 -16.81
CA GLU A 132 -6.93 -16.48 -17.79
C GLU A 132 -8.19 -15.97 -17.12
N PHE A 133 -8.37 -14.66 -17.18
CA PHE A 133 -9.45 -13.99 -16.46
C PHE A 133 -10.53 -13.48 -17.43
N THR A 134 -11.77 -13.92 -17.21
CA THR A 134 -12.91 -13.48 -18.01
C THR A 134 -14.04 -12.98 -17.12
N TRP A 135 -14.82 -12.04 -17.64
CA TRP A 135 -15.90 -11.39 -16.89
C TRP A 135 -17.18 -11.33 -17.72
N GLU A 136 -18.27 -11.87 -17.19
CA GLU A 136 -19.54 -11.84 -17.91
C GLU A 136 -20.67 -11.41 -16.97
N GLY A 137 -21.50 -10.47 -17.44
CA GLY A 137 -22.64 -10.00 -16.68
C GLY A 137 -22.87 -8.53 -16.93
N ALA A 138 -24.12 -8.11 -16.83
CA ALA A 138 -24.47 -6.73 -17.14
C ALA A 138 -24.08 -5.81 -15.98
N ARG A 139 -23.51 -4.66 -16.31
CA ARG A 139 -23.19 -3.61 -15.35
C ARG A 139 -24.38 -3.17 -14.47
N VAL A 140 -24.20 -3.28 -13.15
CA VAL A 140 -25.19 -2.81 -12.20
C VAL A 140 -24.50 -2.02 -11.08
N LEU A 141 -25.31 -1.29 -10.31
CA LEU A 141 -24.81 -0.60 -9.12
C LEU A 141 -25.22 -1.40 -7.88
N LEU A 142 -24.24 -1.86 -7.10
CA LEU A 142 -24.50 -2.59 -5.85
C LEU A 142 -24.02 -1.82 -4.61
N PRO A 143 -24.53 -2.17 -3.42
CA PRO A 143 -23.93 -1.59 -2.21
C PRO A 143 -22.43 -1.94 -2.06
N LYS A 144 -21.60 -1.03 -1.51
CA LYS A 144 -20.15 -1.22 -1.51
C LYS A 144 -19.72 -2.60 -1.00
N ASN A 145 -20.31 -3.05 0.12
CA ASN A 145 -19.92 -4.34 0.67
C ASN A 145 -20.14 -5.52 -0.28
N LYS A 146 -21.10 -5.42 -1.18
CA LYS A 146 -21.29 -6.50 -2.14
C LYS A 146 -20.12 -6.56 -3.15
N VAL A 147 -19.67 -5.41 -3.64
CA VAL A 147 -18.56 -5.37 -4.59
C VAL A 147 -17.20 -5.67 -3.92
N LYS A 148 -17.03 -5.26 -2.66
CA LYS A 148 -15.85 -5.65 -1.90
C LYS A 148 -15.79 -7.18 -1.75
N LEU A 149 -16.95 -7.79 -1.52
CA LEU A 149 -17.06 -9.25 -1.48
C LEU A 149 -16.61 -9.85 -2.81
N LEU A 150 -17.17 -9.29 -3.88
CA LEU A 150 -16.93 -9.84 -5.19
C LEU A 150 -15.44 -9.86 -5.48
N LEU A 151 -14.77 -8.74 -5.27
CA LEU A 151 -13.33 -8.67 -5.56
C LEU A 151 -12.55 -9.57 -4.63
N ASN A 152 -13.01 -9.72 -3.40
CA ASN A 152 -12.31 -10.58 -2.48
C ASN A 152 -12.45 -12.07 -2.86
N MET A 153 -13.61 -12.45 -3.38
CA MET A 153 -13.76 -13.82 -3.88
C MET A 153 -12.82 -14.10 -5.04
N LEU A 154 -12.47 -13.08 -5.82
CA LEU A 154 -11.53 -13.32 -6.90
C LEU A 154 -10.19 -13.74 -6.33
N LEU A 155 -9.87 -13.29 -5.11
CA LEU A 155 -8.58 -13.64 -4.55
C LEU A 155 -8.60 -15.10 -4.08
N ILE A 156 -9.73 -15.50 -3.49
CA ILE A 156 -9.95 -16.91 -3.18
C ILE A 156 -9.84 -17.74 -4.47
N GLY A 157 -10.50 -17.28 -5.52
CA GLY A 157 -10.45 -17.96 -6.80
C GLY A 157 -9.02 -18.12 -7.27
N ASN A 158 -8.26 -17.03 -7.24
CA ASN A 158 -6.86 -17.04 -7.67
C ASN A 158 -6.02 -18.02 -6.83
N GLY A 159 -6.42 -18.24 -5.58
CA GLY A 159 -5.67 -19.14 -4.74
C GLY A 159 -6.05 -20.59 -5.00
N ALA A 160 -7.22 -20.77 -5.59
CA ALA A 160 -7.76 -22.09 -5.87
C ALA A 160 -6.93 -22.80 -6.96
N ILE A 161 -6.36 -22.00 -7.86
CA ILE A 161 -5.65 -22.56 -9.00
C ILE A 161 -4.23 -21.99 -9.07
N PRO A 162 -3.41 -22.36 -8.10
CA PRO A 162 -2.07 -21.79 -7.89
C PRO A 162 -1.09 -22.06 -9.03
N ARG A 163 -1.32 -23.09 -9.84
CA ARG A 163 -0.44 -23.33 -10.97
C ARG A 163 -1.04 -22.80 -12.26
N GLY A 164 -2.16 -22.10 -12.13
CA GLY A 164 -2.76 -21.43 -13.27
C GLY A 164 -4.00 -22.15 -13.73
N GLY A 165 -4.56 -21.67 -14.83
CA GLY A 165 -5.83 -22.17 -15.31
C GLY A 165 -6.68 -21.02 -15.78
N SER A 166 -7.99 -21.08 -15.52
CA SER A 166 -8.89 -20.00 -15.87
C SER A 166 -9.77 -19.64 -14.68
N LEU A 167 -10.05 -18.35 -14.55
CA LEU A 167 -10.97 -17.84 -13.53
C LEU A 167 -12.07 -17.08 -14.24
N ALA A 168 -13.30 -17.58 -14.19
CA ALA A 168 -14.39 -16.92 -14.89
C ALA A 168 -15.39 -16.31 -13.91
N VAL A 169 -15.68 -15.03 -14.09
CA VAL A 169 -16.68 -14.37 -13.26
C VAL A 169 -17.99 -14.27 -14.03
N ARG A 170 -19.08 -14.64 -13.36
CA ARG A 170 -20.40 -14.47 -13.93
C ARG A 170 -21.31 -13.78 -12.92
N LEU A 171 -21.83 -12.61 -13.30
CA LEU A 171 -22.82 -11.91 -12.50
C LEU A 171 -24.26 -12.24 -12.91
N GLU A 172 -24.99 -12.88 -12.02
CA GLU A 172 -26.38 -13.24 -12.28
C GLU A 172 -27.32 -12.46 -11.36
N GLY A 173 -28.63 -12.65 -11.57
CA GLY A 173 -29.63 -11.95 -10.80
C GLY A 173 -29.86 -10.50 -11.21
N SER A 174 -30.39 -9.73 -10.28
CA SER A 174 -30.65 -8.31 -10.49
C SER A 174 -29.81 -7.49 -9.53
N ASP A 175 -29.84 -6.17 -9.67
CA ASP A 175 -29.06 -5.35 -8.76
C ASP A 175 -29.52 -5.50 -7.27
N THR A 176 -30.76 -5.96 -7.05
CA THR A 176 -31.31 -6.05 -5.68
C THR A 176 -31.21 -7.43 -5.04
N ASP A 177 -31.09 -8.47 -5.84
CA ASP A 177 -30.49 -9.69 -5.32
C ASP A 177 -29.63 -10.34 -6.42
N PRO A 178 -28.33 -10.00 -6.43
CA PRO A 178 -27.41 -10.59 -7.39
C PRO A 178 -26.90 -11.93 -6.89
N ARG A 179 -26.35 -12.73 -7.81
CA ARG A 179 -25.65 -13.95 -7.50
C ARG A 179 -24.27 -13.78 -8.14
N PHE A 180 -23.20 -14.13 -7.42
CA PHE A 180 -21.84 -14.06 -7.97
C PHE A 180 -21.34 -15.47 -8.22
N VAL A 181 -20.84 -15.74 -9.42
CA VAL A 181 -20.34 -17.08 -9.69
C VAL A 181 -18.90 -17.00 -10.13
N ILE A 182 -17.99 -17.55 -9.33
CA ILE A 182 -16.60 -17.60 -9.73
C ILE A 182 -16.28 -19.04 -10.00
N THR A 183 -15.87 -19.31 -11.25
CA THR A 183 -15.62 -20.67 -11.71
C THR A 183 -14.14 -20.85 -12.03
N VAL A 184 -13.45 -21.73 -11.30
CA VAL A 184 -12.03 -21.98 -11.58
C VAL A 184 -11.74 -23.37 -12.17
N LYS A 185 -10.79 -23.39 -13.09
CA LYS A 185 -10.28 -24.60 -13.74
C LYS A 185 -8.76 -24.54 -13.79
N GLY A 186 -8.07 -25.65 -13.54
CA GLY A 186 -6.64 -25.69 -13.73
C GLY A 186 -6.01 -27.01 -13.34
N ARG A 187 -4.72 -27.19 -13.66
CA ARG A 187 -4.06 -28.48 -13.43
C ARG A 187 -3.97 -28.83 -11.95
N MET A 188 -3.78 -27.83 -11.11
CA MET A 188 -3.93 -28.02 -9.67
C MET A 188 -5.17 -27.22 -9.24
N LEU A 189 -5.99 -27.84 -8.41
CA LEU A 189 -7.29 -27.26 -8.16
C LEU A 189 -7.70 -27.60 -6.76
N ARG A 190 -8.01 -26.58 -5.96
CA ARG A 190 -8.34 -26.76 -4.54
C ARG A 190 -9.23 -25.63 -4.06
N VAL A 191 -9.80 -25.81 -2.88
CA VAL A 191 -10.21 -24.68 -2.07
C VAL A 191 -9.00 -24.37 -1.21
N PRO A 192 -8.56 -23.09 -1.18
CA PRO A 192 -7.45 -22.70 -0.29
C PRO A 192 -7.78 -23.14 1.13
N PRO A 193 -6.92 -24.00 1.74
CA PRO A 193 -7.26 -24.70 2.99
C PRO A 193 -7.78 -23.80 4.10
N LYS A 194 -7.17 -22.64 4.36
CA LYS A 194 -7.66 -21.78 5.44
C LYS A 194 -9.06 -21.33 5.12
N PHE A 195 -9.35 -21.10 3.84
CA PHE A 195 -10.68 -20.66 3.49
C PHE A 195 -11.72 -21.74 3.74
N LEU A 196 -11.38 -23.00 3.45
CA LEU A 196 -12.33 -24.09 3.64
C LEU A 196 -12.59 -24.28 5.13
N GLU A 197 -11.51 -24.22 5.88
CA GLU A 197 -11.55 -24.34 7.33
C GLU A 197 -12.50 -23.29 7.95
N LEU A 198 -12.24 -22.01 7.68
CA LEU A 198 -13.06 -20.91 8.24
C LEU A 198 -14.51 -20.96 7.77
N HIS A 199 -14.71 -21.28 6.49
CA HIS A 199 -16.04 -21.41 5.89
C HIS A 199 -16.88 -22.49 6.54
N SER A 200 -16.20 -23.47 7.11
CA SER A 200 -16.90 -24.66 7.62
C SER A 200 -17.20 -24.63 9.13
N GLY A 201 -16.75 -23.57 9.81
CA GLY A 201 -17.05 -23.41 11.21
C GLY A 201 -15.99 -23.95 12.16
N ALA A 202 -14.92 -24.52 11.61
CA ALA A 202 -13.85 -25.08 12.42
C ALA A 202 -12.83 -24.01 12.86
N ALA A 203 -12.53 -23.94 14.15
CA ALA A 203 -11.62 -22.90 14.67
C ALA A 203 -10.15 -23.26 14.43
N PRO A 204 -9.47 -22.49 13.57
CA PRO A 204 -8.14 -22.85 13.03
C PRO A 204 -7.11 -23.19 14.11
N GLU A 205 -6.34 -24.24 13.86
CA GLU A 205 -5.22 -24.62 14.72
C GLU A 205 -4.23 -23.45 14.77
N GLU A 206 -3.85 -22.96 13.59
CA GLU A 206 -3.00 -21.76 13.49
C GLU A 206 -3.80 -20.45 13.68
N PRO A 207 -3.19 -19.43 14.32
CA PRO A 207 -3.84 -18.12 14.48
C PRO A 207 -3.91 -17.37 13.14
N ILE A 208 -4.87 -16.46 12.96
CA ILE A 208 -4.98 -15.70 11.72
C ILE A 208 -3.75 -14.84 11.51
N ASP A 209 -3.23 -14.81 10.29
CA ASP A 209 -2.12 -13.90 9.99
C ASP A 209 -2.43 -13.08 8.72
N ALA A 210 -1.46 -12.31 8.26
CA ALA A 210 -1.69 -11.48 7.06
C ALA A 210 -2.00 -12.30 5.80
N HIS A 211 -1.80 -13.62 5.85
CA HIS A 211 -2.25 -14.46 4.74
C HIS A 211 -3.69 -14.92 4.93
N SER A 212 -3.99 -15.55 6.06
CA SER A 212 -5.32 -16.09 6.22
C SER A 212 -6.34 -14.99 6.53
N VAL A 213 -5.88 -13.76 6.72
CA VAL A 213 -6.83 -12.68 7.02
C VAL A 213 -7.76 -12.43 5.84
N GLN A 214 -7.25 -12.62 4.62
CA GLN A 214 -8.06 -12.30 3.44
C GLN A 214 -9.23 -13.30 3.25
N PRO A 215 -8.99 -14.63 3.34
CA PRO A 215 -10.17 -15.50 3.43
C PRO A 215 -11.13 -15.14 4.57
N TYR A 216 -10.62 -14.82 5.76
CA TYR A 216 -11.46 -14.41 6.90
C TYR A 216 -12.28 -13.17 6.59
N TYR A 217 -11.58 -12.16 6.08
CA TYR A 217 -12.20 -10.94 5.65
C TYR A 217 -13.29 -11.20 4.62
N THR A 218 -13.06 -12.16 3.74
CA THR A 218 -14.05 -12.47 2.71
C THR A 218 -15.34 -12.96 3.34
N LEU A 219 -15.22 -13.85 4.31
CA LEU A 219 -16.38 -14.39 5.00
C LEU A 219 -17.07 -13.29 5.82
N LEU A 220 -16.26 -12.44 6.44
CA LEU A 220 -16.79 -11.34 7.22
C LEU A 220 -17.59 -10.35 6.35
N LEU A 221 -17.08 -10.02 5.15
CA LEU A 221 -17.83 -9.20 4.19
C LEU A 221 -19.17 -9.86 3.82
N ALA A 222 -19.16 -11.16 3.56
CA ALA A 222 -20.39 -11.85 3.14
C ALA A 222 -21.45 -11.81 4.24
N GLU A 223 -21.06 -12.01 5.50
CA GLU A 223 -22.02 -11.82 6.60
C GLU A 223 -22.57 -10.39 6.59
N GLU A 224 -21.70 -9.39 6.57
CA GLU A 224 -22.15 -8.00 6.58
C GLU A 224 -23.00 -7.63 5.37
N ALA A 225 -22.92 -8.40 4.29
CA ALA A 225 -23.65 -8.01 3.07
C ALA A 225 -24.93 -8.82 2.92
N GLY A 226 -25.17 -9.77 3.82
CA GLY A 226 -26.34 -10.62 3.75
C GLY A 226 -26.30 -11.65 2.62
N MET A 227 -25.11 -12.18 2.32
CA MET A 227 -24.96 -13.20 1.28
C MET A 227 -24.27 -14.45 1.85
N LYS A 228 -24.61 -15.62 1.32
CA LYS A 228 -23.88 -16.83 1.72
C LYS A 228 -22.98 -17.26 0.60
N ILE A 229 -21.77 -17.66 0.96
CA ILE A 229 -20.89 -18.26 -0.02
C ILE A 229 -21.14 -19.75 -0.07
N SER A 230 -21.13 -20.29 -1.28
CA SER A 230 -21.21 -21.73 -1.48
C SER A 230 -20.00 -22.24 -2.26
N ILE A 231 -19.59 -23.46 -1.92
CA ILE A 231 -18.47 -24.10 -2.59
C ILE A 231 -18.85 -25.48 -3.15
N HIS A 232 -18.94 -25.60 -4.47
CA HIS A 232 -19.21 -26.90 -5.09
C HIS A 232 -18.06 -27.34 -6.00
N ALA A 233 -17.69 -28.61 -5.90
CA ALA A 233 -16.61 -29.18 -6.74
C ALA A 233 -17.12 -30.27 -7.69
N THR A 234 -16.61 -30.26 -8.91
CA THR A 234 -16.84 -31.35 -9.85
C THR A 234 -15.51 -31.83 -10.39
N ALA A 235 -15.56 -32.76 -11.33
CA ALA A 235 -14.37 -33.33 -11.90
C ALA A 235 -13.56 -32.24 -12.61
N GLU A 236 -14.26 -31.29 -13.22
CA GLU A 236 -13.62 -30.30 -14.07
C GLU A 236 -13.32 -28.93 -13.42
N ASP A 237 -14.03 -28.60 -12.34
CA ASP A 237 -13.95 -27.24 -11.81
C ASP A 237 -14.33 -27.09 -10.33
N ILE A 238 -14.05 -25.91 -9.77
CA ILE A 238 -14.66 -25.50 -8.51
C ILE A 238 -15.49 -24.26 -8.75
N VAL A 239 -16.67 -24.24 -8.14
CA VAL A 239 -17.50 -23.06 -8.23
C VAL A 239 -17.71 -22.43 -6.84
N PHE A 240 -17.19 -21.21 -6.69
CA PHE A 240 -17.56 -20.36 -5.55
C PHE A 240 -18.72 -19.48 -5.98
N SER A 241 -19.80 -19.54 -5.24
CA SER A 241 -20.94 -18.67 -5.53
C SER A 241 -21.45 -17.98 -4.27
N ALA A 242 -22.11 -16.83 -4.46
CA ALA A 242 -22.73 -16.11 -3.37
C ALA A 242 -24.04 -15.51 -3.83
N GLU A 243 -25.03 -15.49 -2.94
CA GLU A 243 -26.35 -14.92 -3.26
C GLU A 243 -27.14 -14.60 -2.01
N MET B 35 -13.40 4.03 25.22
CA MET B 35 -13.53 4.21 26.68
C MET B 35 -13.50 5.70 27.06
N SER B 36 -12.44 6.41 26.67
CA SER B 36 -12.40 7.87 26.70
C SER B 36 -12.48 8.38 25.27
N LEU B 37 -12.37 7.44 24.32
CA LEU B 37 -12.62 7.72 22.90
C LEU B 37 -14.11 7.94 22.68
N PRO B 38 -14.45 9.05 22.02
CA PRO B 38 -15.82 9.50 21.78
C PRO B 38 -16.64 8.63 20.82
N VAL B 39 -16.01 7.81 19.99
CA VAL B 39 -16.76 6.92 19.10
C VAL B 39 -15.99 5.63 18.98
N THR B 40 -16.68 4.54 18.63
CA THR B 40 -16.03 3.25 18.38
C THR B 40 -16.27 2.72 16.97
N LEU B 41 -15.21 2.52 16.22
CA LEU B 41 -15.30 1.82 14.96
C LEU B 41 -15.35 0.30 15.11
N SER B 42 -16.21 -0.32 14.29
CA SER B 42 -16.20 -1.76 14.09
C SER B 42 -14.88 -2.23 13.49
N ALA B 43 -14.62 -3.53 13.55
CA ALA B 43 -13.42 -4.07 12.95
C ALA B 43 -13.45 -3.80 11.44
N LEU B 44 -14.60 -4.00 10.79
CA LEU B 44 -14.68 -3.80 9.34
C LEU B 44 -14.34 -2.37 8.96
N ASP B 45 -14.82 -1.42 9.76
CA ASP B 45 -14.54 -0.02 9.47
C ASP B 45 -13.09 0.39 9.72
N LEU B 46 -12.53 -0.02 10.86
CA LEU B 46 -11.17 0.38 11.17
C LEU B 46 -10.25 -0.17 10.11
N GLY B 47 -10.55 -1.38 9.66
CA GLY B 47 -9.73 -2.05 8.66
C GLY B 47 -9.84 -1.34 7.33
N ALA B 48 -11.06 -1.05 6.90
CA ALA B 48 -11.23 -0.44 5.60
C ALA B 48 -10.55 0.93 5.59
N LEU B 49 -10.70 1.71 6.66
CA LEU B 49 -10.17 3.07 6.65
C LEU B 49 -8.64 3.14 6.74
N LEU B 50 -8.03 2.31 7.60
CA LEU B 50 -6.58 2.19 7.65
C LEU B 50 -6.01 1.81 6.27
N CYS B 51 -6.63 0.86 5.59
CA CYS B 51 -6.22 0.48 4.24
C CYS B 51 -6.40 1.65 3.27
N SER B 52 -7.48 2.39 3.47
CA SER B 52 -7.79 3.53 2.63
C SER B 52 -6.70 4.60 2.79
N ARG B 53 -6.27 4.80 4.02
CA ARG B 53 -5.22 5.77 4.30
C ARG B 53 -3.89 5.35 3.68
N ILE B 54 -3.56 4.06 3.76
CA ILE B 54 -2.34 3.55 3.14
C ILE B 54 -2.36 3.81 1.63
N CYS B 55 -3.48 3.50 0.99
CA CYS B 55 -3.67 3.78 -0.43
C CYS B 55 -3.56 5.27 -0.78
N HIS B 56 -4.15 6.15 0.03
CA HIS B 56 -4.08 7.60 -0.24
C HIS B 56 -2.63 8.07 -0.22
N ASP B 57 -1.85 7.53 0.71
CA ASP B 57 -0.47 7.97 0.88
C ASP B 57 0.51 7.43 -0.16
N ILE B 58 0.12 6.45 -0.97
CA ILE B 58 1.01 5.96 -2.01
C ILE B 58 0.47 6.19 -3.41
N ILE B 59 -0.72 6.78 -3.51
CA ILE B 59 -1.29 7.15 -4.82
C ILE B 59 -0.33 8.01 -5.64
N SER B 60 0.17 9.08 -5.05
CA SER B 60 0.97 10.00 -5.83
C SER B 60 2.34 9.43 -6.18
N PRO B 61 3.05 8.79 -5.21
CA PRO B 61 4.31 8.20 -5.68
C PRO B 61 4.16 7.07 -6.70
N ILE B 62 3.15 6.18 -6.59
CA ILE B 62 2.96 5.15 -7.62
C ILE B 62 2.62 5.83 -8.96
N GLY B 63 1.79 6.87 -8.91
CA GLY B 63 1.34 7.53 -10.12
C GLY B 63 2.51 8.18 -10.84
N ALA B 64 3.41 8.73 -10.05
CA ALA B 64 4.52 9.51 -10.57
C ALA B 64 5.54 8.59 -11.25
N ILE B 65 5.78 7.42 -10.65
CA ILE B 65 6.62 6.40 -11.28
C ILE B 65 6.10 6.14 -12.68
N ASN B 66 4.79 5.96 -12.77
CA ASN B 66 4.19 5.64 -14.05
C ASN B 66 4.13 6.85 -14.97
N ASN B 67 4.11 8.05 -14.39
CA ASN B 67 4.12 9.25 -15.23
C ASN B 67 5.53 9.53 -15.75
N GLY B 68 6.52 9.32 -14.88
CA GLY B 68 7.92 9.38 -15.26
C GLY B 68 8.28 8.41 -16.39
N LEU B 69 7.86 7.16 -16.26
CA LEU B 69 8.08 6.19 -17.32
C LEU B 69 7.46 6.66 -18.64
N GLU B 70 6.30 7.31 -18.54
CA GLU B 70 5.62 7.83 -19.74
C GLU B 70 6.44 8.94 -20.40
N LEU B 71 7.01 9.84 -19.59
CA LEU B 71 7.88 10.89 -20.12
C LEU B 71 9.06 10.27 -20.85
N LEU B 72 9.77 9.37 -20.15
CA LEU B 72 10.86 8.58 -20.73
C LEU B 72 10.61 8.09 -22.15
N GLU B 73 9.47 7.44 -22.36
CA GLU B 73 9.23 6.77 -23.63
C GLU B 73 9.05 7.74 -24.80
N GLU B 74 8.54 8.94 -24.53
CA GLU B 74 8.30 9.88 -25.63
C GLU B 74 9.54 10.74 -25.86
N GLY B 75 10.41 10.79 -24.84
CA GLY B 75 11.75 11.35 -24.98
C GLY B 75 11.78 12.85 -24.84
N GLY B 76 12.93 13.38 -24.42
CA GLY B 76 13.10 14.82 -24.28
C GLY B 76 13.42 15.31 -22.88
N ALA B 77 12.92 14.62 -21.87
CA ALA B 77 13.12 15.05 -20.50
C ALA B 77 13.76 13.95 -19.67
N ASP B 78 14.73 13.24 -20.26
CA ASP B 78 15.18 11.95 -19.74
C ASP B 78 15.85 11.99 -18.36
N GLU B 79 16.64 13.00 -18.04
CA GLU B 79 17.22 13.00 -16.71
C GLU B 79 16.22 13.48 -15.65
N ASP B 80 15.26 14.32 -16.03
CA ASP B 80 14.17 14.73 -15.13
C ASP B 80 13.22 13.55 -14.83
N ALA B 81 12.78 12.86 -15.88
CA ALA B 81 11.89 11.72 -15.74
C ALA B 81 12.51 10.62 -14.90
N MET B 82 13.84 10.49 -14.96
CA MET B 82 14.52 9.44 -14.22
C MET B 82 14.75 9.88 -12.77
N ALA B 83 14.90 11.17 -12.55
CA ALA B 83 15.04 11.65 -11.18
C ALA B 83 13.68 11.48 -10.50
N LEU B 84 12.62 11.65 -11.28
CA LEU B 84 11.27 11.56 -10.76
C LEU B 84 10.95 10.12 -10.39
N ILE B 85 11.29 9.19 -11.30
CA ILE B 85 11.12 7.78 -11.03
C ILE B 85 11.90 7.31 -9.80
N LYS B 86 13.15 7.74 -9.66
CA LYS B 86 13.99 7.29 -8.54
C LYS B 86 13.45 7.80 -7.21
N SER B 87 13.08 9.09 -7.16
CA SER B 87 12.59 9.63 -5.90
C SER B 87 11.22 9.06 -5.55
N SER B 88 10.33 8.96 -6.54
CA SER B 88 9.01 8.39 -6.32
C SER B 88 9.09 6.93 -5.84
N ALA B 89 9.94 6.14 -6.47
CA ALA B 89 10.07 4.74 -6.07
C ALA B 89 10.64 4.64 -4.65
N ARG B 90 11.54 5.53 -4.27
CA ARG B 90 12.09 5.49 -2.92
C ARG B 90 11.03 5.94 -1.92
N ASN B 91 10.23 6.92 -2.30
CA ASN B 91 9.16 7.42 -1.44
C ASN B 91 8.16 6.31 -1.11
N ALA B 92 7.64 5.67 -2.17
CA ALA B 92 6.68 4.57 -2.05
C ALA B 92 7.19 3.48 -1.14
N SER B 93 8.45 3.10 -1.34
CA SER B 93 9.05 2.07 -0.53
C SER B 93 9.10 2.50 0.92
N ALA B 94 9.50 3.75 1.17
CA ALA B 94 9.63 4.22 2.54
C ALA B 94 8.26 4.31 3.24
N ARG B 95 7.24 4.71 2.52
CA ARG B 95 5.93 4.85 3.11
C ARG B 95 5.34 3.48 3.42
N LEU B 96 5.47 2.56 2.46
CA LEU B 96 5.03 1.19 2.67
C LEU B 96 5.76 0.52 3.84
N GLN B 97 7.04 0.82 4.01
CA GLN B 97 7.78 0.16 5.08
C GLN B 97 7.42 0.74 6.44
N PHE B 98 7.15 2.04 6.47
CA PHE B 98 6.71 2.67 7.70
C PHE B 98 5.31 2.12 8.05
N ALA B 99 4.43 2.04 7.06
CA ALA B 99 3.06 1.56 7.29
C ALA B 99 3.05 0.12 7.82
N ARG B 100 3.95 -0.71 7.27
CA ARG B 100 4.04 -2.11 7.63
C ARG B 100 4.26 -2.32 9.13
N ILE B 101 4.97 -1.39 9.77
CA ILE B 101 5.18 -1.44 11.21
C ILE B 101 4.16 -0.59 11.97
N ALA B 102 3.91 0.64 11.51
CA ALA B 102 3.03 1.55 12.25
C ALA B 102 1.56 1.10 12.22
N PHE B 103 1.12 0.56 11.09
CA PHE B 103 -0.24 0.07 10.95
C PHE B 103 -0.30 -1.46 11.02
N GLY B 104 0.76 -2.11 10.54
CA GLY B 104 0.81 -3.55 10.33
C GLY B 104 0.76 -4.44 11.54
N ALA B 105 0.84 -5.75 11.33
CA ALA B 105 0.53 -6.70 12.41
C ALA B 105 1.65 -7.00 13.40
N ALA B 106 2.79 -7.48 12.92
CA ALA B 106 3.84 -8.02 13.80
C ALA B 106 3.33 -9.05 14.81
N GLY B 107 2.80 -10.17 14.33
CA GLY B 107 2.67 -11.37 15.14
C GLY B 107 1.70 -11.42 16.29
N SER B 108 2.09 -12.12 17.36
CA SER B 108 1.21 -12.45 18.48
C SER B 108 1.24 -11.44 19.62
N ALA B 109 0.34 -11.63 20.58
CA ALA B 109 0.11 -10.70 21.68
C ALA B 109 1.39 -10.29 22.43
N GLY B 110 2.20 -11.27 22.82
CA GLY B 110 3.38 -11.01 23.64
C GLY B 110 4.58 -10.45 22.89
N VAL B 111 4.46 -10.34 21.56
CA VAL B 111 5.57 -9.93 20.70
C VAL B 111 6.07 -8.53 21.00
N GLN B 112 7.39 -8.37 20.90
CA GLN B 112 8.03 -7.09 21.07
C GLN B 112 8.65 -6.61 19.76
N ILE B 113 8.87 -5.31 19.65
CA ILE B 113 9.51 -4.73 18.48
C ILE B 113 10.71 -3.95 18.96
N ASP B 114 11.79 -4.05 18.21
CA ASP B 114 13.02 -3.30 18.45
C ASP B 114 12.81 -1.82 18.10
N THR B 115 13.04 -0.90 19.02
CA THR B 115 12.91 0.52 18.68
C THR B 115 13.95 0.94 17.66
N GLY B 116 15.00 0.13 17.53
CA GLY B 116 16.00 0.37 16.51
C GLY B 116 15.38 0.28 15.12
N ASP B 117 14.51 -0.72 14.94
CA ASP B 117 13.78 -0.89 13.68
C ASP B 117 12.85 0.30 13.44
N ALA B 118 12.13 0.69 14.49
CA ALA B 118 11.28 1.87 14.42
C ALA B 118 12.08 3.08 13.98
N GLN B 119 13.29 3.25 14.50
CA GLN B 119 14.11 4.39 14.13
C GLN B 119 14.50 4.37 12.65
N ASN B 120 14.80 3.19 12.12
CA ASN B 120 15.16 3.09 10.72
C ASN B 120 13.99 3.43 9.79
N VAL B 121 12.82 2.82 9.99
CA VAL B 121 11.71 3.11 9.07
C VAL B 121 11.23 4.53 9.25
N ALA B 122 11.30 5.05 10.48
CA ALA B 122 10.94 6.45 10.73
C ALA B 122 11.89 7.41 10.03
N THR B 123 13.18 7.11 10.07
CA THR B 123 14.18 8.00 9.50
C THR B 123 14.02 8.08 8.00
N GLU B 124 13.82 6.92 7.38
CA GLU B 124 13.73 6.82 5.92
C GLU B 124 12.44 7.49 5.42
N TYR B 125 11.36 7.27 6.17
CA TYR B 125 10.10 7.96 5.92
C TYR B 125 10.34 9.47 5.87
N PHE B 126 11.08 9.99 6.84
CA PHE B 126 11.20 11.43 6.97
C PHE B 126 12.22 12.09 6.04
N ARG B 127 13.06 11.32 5.36
CA ARG B 127 13.93 11.91 4.34
C ARG B 127 13.12 12.51 3.20
N ASN B 128 11.83 12.16 3.14
CA ASN B 128 10.93 12.59 2.08
C ASN B 128 9.98 13.72 2.51
N GLU B 129 9.88 13.95 3.81
CA GLU B 129 8.95 14.94 4.35
C GLU B 129 9.62 16.29 4.65
N LYS B 130 8.80 17.35 4.74
CA LYS B 130 9.28 18.71 5.02
C LYS B 130 10.25 18.82 6.23
N PRO B 131 9.82 18.42 7.45
CA PRO B 131 10.62 18.77 8.63
C PRO B 131 11.93 18.00 8.76
N GLU B 132 12.77 18.37 9.73
CA GLU B 132 14.03 17.68 9.93
C GLU B 132 13.94 16.80 11.16
N PHE B 133 14.47 15.59 11.06
CA PHE B 133 14.08 14.52 11.96
C PHE B 133 15.27 14.01 12.80
N THR B 134 15.07 13.90 14.12
CA THR B 134 16.12 13.39 15.03
C THR B 134 15.61 12.42 16.09
N TRP B 135 16.45 11.43 16.40
CA TRP B 135 16.09 10.36 17.30
C TRP B 135 17.09 10.24 18.43
N GLU B 136 16.61 10.44 19.66
CA GLU B 136 17.44 10.23 20.85
C GLU B 136 16.89 9.10 21.67
N GLY B 137 17.58 7.97 21.69
CA GLY B 137 17.11 6.88 22.51
C GLY B 137 17.85 5.57 22.31
N ALA B 138 17.84 4.77 23.36
CA ALA B 138 18.57 3.52 23.39
C ALA B 138 17.77 2.42 22.75
N ARG B 139 18.33 1.82 21.69
CA ARG B 139 17.77 0.61 21.07
C ARG B 139 17.29 -0.41 22.12
N VAL B 140 15.98 -0.42 22.40
CA VAL B 140 15.38 -1.27 23.43
C VAL B 140 14.21 -2.08 22.84
N LEU B 141 13.84 -3.19 23.47
CA LEU B 141 12.67 -3.99 23.09
C LEU B 141 11.41 -3.60 23.88
N LEU B 142 10.38 -3.12 23.18
CA LEU B 142 9.10 -2.72 23.81
C LEU B 142 7.94 -3.55 23.26
N PRO B 143 6.85 -3.70 24.05
CA PRO B 143 5.64 -4.37 23.52
C PRO B 143 5.20 -3.71 22.21
N LYS B 144 4.67 -4.48 21.26
CA LYS B 144 4.49 -3.98 19.89
C LYS B 144 3.58 -2.74 19.81
N ASN B 145 2.50 -2.74 20.59
CA ASN B 145 1.56 -1.63 20.51
C ASN B 145 2.14 -0.33 21.05
N LYS B 146 3.15 -0.43 21.89
CA LYS B 146 3.79 0.78 22.39
C LYS B 146 4.69 1.37 21.29
N VAL B 147 5.28 0.52 20.48
CA VAL B 147 6.09 1.02 19.36
C VAL B 147 5.19 1.50 18.22
N LYS B 148 4.03 0.84 18.03
CA LYS B 148 3.10 1.29 17.02
C LYS B 148 2.55 2.66 17.42
N LEU B 149 2.19 2.78 18.69
CA LEU B 149 1.85 4.07 19.26
C LEU B 149 2.91 5.10 18.91
N LEU B 150 4.15 4.77 19.20
CA LEU B 150 5.24 5.70 18.99
C LEU B 150 5.30 6.17 17.53
N LEU B 151 5.31 5.24 16.59
CA LEU B 151 5.34 5.60 15.16
C LEU B 151 4.11 6.38 14.74
N ASN B 152 2.97 6.05 15.31
CA ASN B 152 1.79 6.86 15.02
C ASN B 152 1.85 8.28 15.57
N MET B 153 2.50 8.48 16.71
CA MET B 153 2.70 9.84 17.20
C MET B 153 3.61 10.67 16.29
N LEU B 154 4.55 10.02 15.60
CA LEU B 154 5.34 10.76 14.61
C LEU B 154 4.45 11.32 13.51
N LEU B 155 3.39 10.61 13.16
CA LEU B 155 2.49 11.06 12.10
C LEU B 155 1.72 12.28 12.56
N ILE B 156 1.23 12.24 13.80
CA ILE B 156 0.53 13.37 14.39
C ILE B 156 1.47 14.58 14.44
N GLY B 157 2.69 14.31 14.88
CA GLY B 157 3.70 15.34 15.04
C GLY B 157 3.97 15.99 13.73
N ASN B 158 4.14 15.17 12.69
CA ASN B 158 4.34 15.71 11.36
C ASN B 158 3.14 16.56 10.94
N GLY B 159 1.95 16.11 11.27
CA GLY B 159 0.76 16.86 10.91
C GLY B 159 0.69 18.22 11.57
N ALA B 160 1.29 18.30 12.76
CA ALA B 160 1.28 19.52 13.58
C ALA B 160 2.08 20.69 13.00
N ILE B 161 3.01 20.40 12.09
CA ILE B 161 3.76 21.46 11.45
C ILE B 161 3.61 21.38 9.94
N PRO B 162 2.48 21.89 9.42
CA PRO B 162 2.18 21.85 7.98
C PRO B 162 3.28 22.44 7.08
N ARG B 163 3.85 23.58 7.46
CA ARG B 163 4.82 24.23 6.58
C ARG B 163 6.26 23.99 7.03
N GLY B 164 6.52 22.80 7.55
CA GLY B 164 7.87 22.36 7.81
C GLY B 164 8.36 22.76 9.19
N GLY B 165 9.65 22.48 9.44
CA GLY B 165 10.25 22.77 10.71
C GLY B 165 11.13 21.64 11.21
N SER B 166 10.95 21.27 12.47
CA SER B 166 11.76 20.23 13.05
C SER B 166 10.88 19.29 13.88
N LEU B 167 11.24 18.02 13.88
CA LEU B 167 10.56 17.02 14.68
C LEU B 167 11.62 16.17 15.36
N ALA B 168 11.53 16.09 16.69
CA ALA B 168 12.56 15.42 17.46
C ALA B 168 11.97 14.42 18.44
N VAL B 169 12.46 13.19 18.34
CA VAL B 169 11.96 12.10 19.16
C VAL B 169 12.95 11.88 20.31
N ARG B 170 12.41 11.60 21.49
CA ARG B 170 13.24 11.24 22.62
C ARG B 170 12.59 10.09 23.38
N LEU B 171 13.29 8.96 23.48
CA LEU B 171 12.80 7.80 24.26
C LEU B 171 13.33 7.81 25.70
N GLU B 172 12.41 7.88 26.66
CA GLU B 172 12.77 7.94 28.06
C GLU B 172 12.12 6.78 28.83
N GLY B 173 12.44 6.64 30.11
CA GLY B 173 11.81 5.63 30.95
C GLY B 173 12.42 4.25 30.88
N SER B 174 11.79 3.29 31.57
CA SER B 174 12.23 1.90 31.57
C SER B 174 11.51 1.09 30.48
N ASP B 175 11.84 -0.19 30.37
CA ASP B 175 11.18 -1.07 29.42
C ASP B 175 9.76 -1.38 29.84
N THR B 176 9.50 -1.25 31.14
CA THR B 176 8.19 -1.56 31.71
C THR B 176 7.35 -0.29 31.85
N ASP B 177 8.02 0.86 31.94
CA ASP B 177 7.33 2.14 31.99
C ASP B 177 8.03 3.19 31.09
N PRO B 178 7.91 3.01 29.77
CA PRO B 178 8.58 3.94 28.84
C PRO B 178 7.78 5.21 28.60
N ARG B 179 8.44 6.26 28.10
CA ARG B 179 7.75 7.51 27.79
C ARG B 179 8.32 8.12 26.51
N PHE B 180 7.42 8.48 25.59
CA PHE B 180 7.83 9.02 24.30
C PHE B 180 7.63 10.52 24.32
N VAL B 181 8.58 11.25 23.78
CA VAL B 181 8.49 12.70 23.68
C VAL B 181 8.73 13.08 22.23
N ILE B 182 7.73 13.71 21.62
CA ILE B 182 7.86 14.18 20.27
C ILE B 182 7.74 15.68 20.37
N THR B 183 8.70 16.40 19.82
CA THR B 183 8.72 17.86 19.93
C THR B 183 8.78 18.45 18.53
N VAL B 184 7.85 19.36 18.24
CA VAL B 184 7.80 19.96 16.92
C VAL B 184 7.92 21.49 16.99
N LYS B 185 8.70 22.03 16.05
CA LYS B 185 8.88 23.46 15.89
C LYS B 185 8.71 23.80 14.42
N GLY B 186 8.07 24.92 14.12
CA GLY B 186 7.96 25.34 12.74
C GLY B 186 7.10 26.58 12.57
N ARG B 187 7.17 27.18 11.39
CA ARG B 187 6.54 28.47 11.16
C ARG B 187 5.03 28.49 11.41
N MET B 188 4.33 27.38 11.18
CA MET B 188 2.96 27.22 11.69
C MET B 188 2.88 26.07 12.68
N LEU B 189 1.99 26.18 13.65
CA LEU B 189 2.01 25.29 14.78
C LEU B 189 0.60 25.12 15.33
N ARG B 190 -0.10 24.09 14.85
CA ARG B 190 -1.38 23.72 15.44
C ARG B 190 -1.46 22.21 15.61
N VAL B 191 -1.94 21.78 16.78
CA VAL B 191 -2.44 20.43 16.94
C VAL B 191 -3.38 20.10 15.77
N PRO B 192 -3.11 18.99 15.06
CA PRO B 192 -3.98 18.57 13.94
C PRO B 192 -5.43 18.37 14.42
N PRO B 193 -6.37 19.13 13.84
CA PRO B 193 -7.71 19.34 14.42
C PRO B 193 -8.46 18.05 14.75
N LYS B 194 -8.41 17.03 13.89
CA LYS B 194 -9.10 15.76 14.17
C LYS B 194 -8.50 15.05 15.38
N PHE B 195 -7.18 15.11 15.53
CA PHE B 195 -6.55 14.56 16.73
C PHE B 195 -6.91 15.35 17.98
N LEU B 196 -6.90 16.68 17.87
CA LEU B 196 -7.41 17.55 18.95
C LEU B 196 -8.82 17.15 19.38
N GLU B 197 -9.72 17.10 18.41
CA GLU B 197 -11.10 16.68 18.64
C GLU B 197 -11.21 15.37 19.42
N LEU B 198 -10.66 14.29 18.87
CA LEU B 198 -10.77 12.97 19.49
C LEU B 198 -10.05 12.88 20.84
N HIS B 199 -8.88 13.51 20.95
CA HIS B 199 -8.10 13.48 22.19
C HIS B 199 -8.83 14.13 23.35
N SER B 200 -9.47 15.27 23.08
CA SER B 200 -10.18 15.99 24.14
C SER B 200 -11.51 15.32 24.53
N GLY B 201 -11.87 14.24 23.84
CA GLY B 201 -13.11 13.53 24.11
C GLY B 201 -14.36 14.14 23.47
N ALA B 202 -14.19 14.96 22.46
CA ALA B 202 -15.35 15.59 21.81
C ALA B 202 -16.08 14.61 20.90
N ALA B 203 -17.40 14.74 20.78
CA ALA B 203 -18.12 14.03 19.72
C ALA B 203 -17.74 14.58 18.35
N PRO B 204 -17.18 13.73 17.48
CA PRO B 204 -16.65 14.18 16.18
C PRO B 204 -17.68 14.93 15.33
N GLU B 205 -17.29 16.07 14.75
CA GLU B 205 -18.17 16.85 13.91
C GLU B 205 -18.46 16.14 12.59
N GLU B 206 -17.53 15.30 12.15
CA GLU B 206 -17.68 14.58 10.90
C GLU B 206 -17.45 13.09 11.12
N PRO B 207 -18.08 12.24 10.30
CA PRO B 207 -17.80 10.79 10.40
C PRO B 207 -16.31 10.50 10.26
N ILE B 208 -15.78 9.64 11.11
CA ILE B 208 -14.42 9.16 10.96
C ILE B 208 -14.20 8.65 9.52
N ASP B 209 -13.14 9.10 8.87
CA ASP B 209 -12.84 8.62 7.53
C ASP B 209 -11.34 8.31 7.37
N ALA B 210 -10.85 8.20 6.13
CA ALA B 210 -9.45 7.86 5.91
C ALA B 210 -8.50 8.98 6.40
N HIS B 211 -9.02 10.19 6.53
CA HIS B 211 -8.24 11.30 7.04
C HIS B 211 -8.14 11.16 8.57
N SER B 212 -9.28 11.11 9.27
CA SER B 212 -9.25 11.07 10.74
C SER B 212 -9.00 9.70 11.35
N VAL B 213 -8.87 8.66 10.54
CA VAL B 213 -8.74 7.33 11.11
C VAL B 213 -7.40 7.19 11.83
N GLN B 214 -6.37 7.87 11.34
CA GLN B 214 -5.05 7.70 11.92
C GLN B 214 -4.96 8.29 13.34
N PRO B 215 -5.48 9.51 13.57
CA PRO B 215 -5.59 9.94 14.98
C PRO B 215 -6.48 9.04 15.84
N TYR B 216 -7.55 8.51 15.26
CA TYR B 216 -8.38 7.57 16.01
C TYR B 216 -7.50 6.38 16.39
N TYR B 217 -6.79 5.84 15.41
CA TYR B 217 -5.93 4.70 15.60
C TYR B 217 -4.83 4.97 16.61
N THR B 218 -4.26 6.17 16.56
CA THR B 218 -3.23 6.54 17.52
C THR B 218 -3.79 6.43 18.94
N LEU B 219 -4.95 7.05 19.17
CA LEU B 219 -5.60 7.01 20.47
C LEU B 219 -6.05 5.59 20.84
N LEU B 220 -6.46 4.80 19.86
CA LEU B 220 -6.89 3.43 20.15
C LEU B 220 -5.72 2.61 20.67
N LEU B 221 -4.56 2.78 20.04
CA LEU B 221 -3.34 2.10 20.47
C LEU B 221 -2.94 2.48 21.89
N ALA B 222 -2.94 3.79 22.19
CA ALA B 222 -2.61 4.27 23.54
C ALA B 222 -3.46 3.55 24.59
N GLU B 223 -4.77 3.54 24.40
CA GLU B 223 -5.69 2.83 25.30
C GLU B 223 -5.29 1.38 25.53
N GLU B 224 -5.02 0.66 24.45
CA GLU B 224 -4.69 -0.75 24.54
C GLU B 224 -3.38 -0.97 25.28
N ALA B 225 -2.43 -0.06 25.10
CA ALA B 225 -1.09 -0.23 25.68
C ALA B 225 -0.99 0.33 27.11
N GLY B 226 -2.11 0.79 27.66
CA GLY B 226 -2.12 1.36 28.99
C GLY B 226 -1.32 2.65 29.15
N MET B 227 -1.17 3.41 28.07
CA MET B 227 -0.49 4.71 28.10
C MET B 227 -1.44 5.88 27.81
N LYS B 228 -1.05 7.10 28.19
CA LYS B 228 -1.87 8.27 27.88
C LYS B 228 -1.04 9.39 27.24
N ILE B 229 -1.64 10.10 26.30
CA ILE B 229 -0.94 11.14 25.56
C ILE B 229 -1.26 12.53 26.11
N SER B 230 -0.25 13.38 26.23
CA SER B 230 -0.46 14.76 26.67
C SER B 230 0.00 15.74 25.61
N ILE B 231 -0.65 16.91 25.59
CA ILE B 231 -0.30 17.98 24.65
C ILE B 231 0.15 19.26 25.37
N HIS B 232 1.41 19.63 25.21
CA HIS B 232 1.93 20.86 25.78
C HIS B 232 2.22 21.84 24.65
N ALA B 233 1.29 22.75 24.42
CA ALA B 233 1.45 23.75 23.36
C ALA B 233 2.01 25.07 23.93
N THR B 234 2.98 25.65 23.21
CA THR B 234 3.46 27.01 23.47
C THR B 234 3.59 27.74 22.13
N ALA B 235 4.07 28.97 22.15
CA ALA B 235 4.19 29.72 20.90
C ALA B 235 5.49 29.40 20.14
N GLU B 236 6.41 28.70 20.80
CA GLU B 236 7.65 28.27 20.15
C GLU B 236 7.59 26.80 19.70
N ASP B 237 7.07 25.92 20.55
CA ASP B 237 6.96 24.50 20.19
C ASP B 237 5.67 23.80 20.68
N ILE B 238 5.43 22.60 20.16
CA ILE B 238 4.42 21.70 20.74
C ILE B 238 5.09 20.39 21.16
N VAL B 239 4.81 19.94 22.38
CA VAL B 239 5.37 18.68 22.84
C VAL B 239 4.28 17.65 23.00
N PHE B 240 4.33 16.63 22.16
CA PHE B 240 3.45 15.49 22.26
C PHE B 240 4.15 14.43 23.09
N SER B 241 3.53 14.00 24.19
CA SER B 241 4.18 12.96 24.98
C SER B 241 3.20 11.92 25.49
N ALA B 242 3.71 10.71 25.75
CA ALA B 242 2.88 9.63 26.30
C ALA B 242 3.70 8.76 27.24
N GLU B 243 3.07 8.18 28.27
CA GLU B 243 3.76 7.30 29.22
C GLU B 243 2.82 6.31 29.94
N GLY C 33 33.16 -22.40 -12.84
CA GLY C 33 32.84 -23.00 -11.57
C GLY C 33 32.07 -22.05 -10.68
N SER C 34 31.21 -21.23 -11.30
CA SER C 34 30.45 -20.17 -10.62
C SER C 34 29.49 -20.71 -9.55
N MET C 35 28.97 -19.79 -8.75
CA MET C 35 28.12 -20.16 -7.62
C MET C 35 26.74 -20.57 -8.08
N ARG C 36 26.26 -21.73 -7.62
CA ARG C 36 24.95 -22.18 -8.04
C ARG C 36 23.88 -21.88 -6.97
N VAL C 37 22.80 -21.24 -7.40
CA VAL C 37 21.69 -20.85 -6.52
C VAL C 37 20.35 -21.43 -6.93
N LEU C 38 19.74 -22.20 -6.03
CA LEU C 38 18.36 -22.68 -6.18
C LEU C 38 17.36 -21.69 -5.62
N LEU C 39 16.58 -21.07 -6.47
CA LEU C 39 15.60 -20.08 -6.01
C LEU C 39 14.20 -20.66 -6.00
N ILE C 40 13.61 -20.76 -4.82
CA ILE C 40 12.25 -21.30 -4.66
C ILE C 40 11.30 -20.16 -4.29
N GLU C 41 10.65 -19.62 -5.32
CA GLU C 41 9.93 -18.34 -5.25
C GLU C 41 8.70 -18.30 -6.17
N ASP C 42 7.57 -17.76 -5.71
CA ASP C 42 6.41 -17.66 -6.56
C ASP C 42 6.10 -16.23 -7.06
N ASP C 43 6.28 -15.20 -6.24
CA ASP C 43 5.97 -13.84 -6.67
C ASP C 43 6.92 -13.41 -7.78
N SER C 44 6.47 -13.52 -9.03
CA SER C 44 7.36 -13.41 -10.20
C SER C 44 8.11 -12.09 -10.33
N ALA C 45 7.68 -11.05 -9.63
CA ALA C 45 8.40 -9.78 -9.67
C ALA C 45 9.64 -9.88 -8.82
N ILE C 46 9.54 -10.62 -7.72
CA ILE C 46 10.68 -10.85 -6.85
C ILE C 46 11.67 -11.80 -7.51
N ALA C 47 11.16 -12.88 -8.08
CA ALA C 47 12.01 -13.85 -8.76
C ALA C 47 12.83 -13.19 -9.86
N GLN C 48 12.20 -12.41 -10.73
CA GLN C 48 12.91 -11.73 -11.80
C GLN C 48 13.93 -10.76 -11.24
N SER C 49 13.58 -10.17 -10.11
CA SER C 49 14.43 -9.22 -9.43
C SER C 49 15.68 -9.94 -8.94
N ILE C 50 15.47 -11.04 -8.25
CA ILE C 50 16.57 -11.81 -7.71
C ILE C 50 17.41 -12.42 -8.84
N GLU C 51 16.77 -12.96 -9.87
CA GLU C 51 17.50 -13.46 -11.03
C GLU C 51 18.38 -12.40 -11.67
N LEU C 52 17.83 -11.22 -11.90
CA LEU C 52 18.61 -10.18 -12.55
C LEU C 52 19.78 -9.80 -11.67
N MET C 53 19.53 -9.63 -10.38
CA MET C 53 20.58 -9.19 -9.49
C MET C 53 21.70 -10.24 -9.40
N LEU C 54 21.33 -11.49 -9.18
CA LEU C 54 22.31 -12.56 -9.04
C LEU C 54 23.10 -12.82 -10.34
N LYS C 55 22.40 -12.87 -11.47
CA LYS C 55 23.02 -13.12 -12.76
C LYS C 55 23.95 -11.98 -13.17
N SER C 56 23.74 -10.79 -12.63
CA SER C 56 24.63 -9.68 -12.92
C SER C 56 25.97 -9.80 -12.16
N GLU C 57 26.07 -10.83 -11.32
CA GLU C 57 27.30 -11.13 -10.58
C GLU C 57 27.84 -12.52 -10.95
N SER C 58 27.34 -13.04 -12.08
CA SER C 58 27.77 -14.32 -12.69
C SER C 58 27.35 -15.57 -11.91
N PHE C 59 26.33 -15.45 -11.07
CA PHE C 59 25.77 -16.58 -10.37
C PHE C 59 24.92 -17.37 -11.37
N ASN C 60 24.80 -18.68 -11.19
CA ASN C 60 23.80 -19.47 -11.92
C ASN C 60 22.57 -19.63 -11.06
N VAL C 61 21.39 -19.36 -11.64
CA VAL C 61 20.17 -19.40 -10.86
C VAL C 61 19.18 -20.36 -11.49
N TYR C 62 18.74 -21.34 -10.73
CA TYR C 62 17.71 -22.25 -11.18
C TYR C 62 16.47 -22.01 -10.33
N THR C 63 15.43 -21.38 -10.91
CA THR C 63 14.25 -21.06 -10.11
C THR C 63 13.05 -21.96 -10.35
N THR C 64 12.33 -22.29 -9.28
CA THR C 64 11.06 -22.99 -9.37
C THR C 64 10.03 -22.21 -8.54
N ASP C 65 8.75 -22.39 -8.85
CA ASP C 65 7.70 -21.62 -8.19
C ASP C 65 6.78 -22.52 -7.38
N LEU C 66 7.18 -23.78 -7.24
CA LEU C 66 6.44 -24.74 -6.41
C LEU C 66 7.33 -25.39 -5.36
N GLY C 67 6.92 -25.36 -4.11
CA GLY C 67 7.67 -25.98 -3.05
C GLY C 67 7.97 -27.47 -3.22
N GLU C 68 7.05 -28.20 -3.83
CA GLU C 68 7.24 -29.65 -3.91
C GLU C 68 8.34 -29.97 -4.93
N GLU C 69 8.57 -29.05 -5.86
CA GLU C 69 9.68 -29.21 -6.80
C GLU C 69 10.99 -28.74 -6.17
N GLY C 70 10.88 -27.71 -5.34
CA GLY C 70 11.99 -27.25 -4.52
C GLY C 70 12.54 -28.38 -3.67
N ILE C 71 11.64 -29.12 -3.01
CA ILE C 71 12.07 -30.24 -2.21
C ILE C 71 12.78 -31.28 -3.05
N ASP C 72 12.37 -31.43 -4.30
CA ASP C 72 12.99 -32.46 -5.12
C ASP C 72 14.36 -32.01 -5.65
N LEU C 73 14.43 -30.79 -6.19
CA LEU C 73 15.69 -30.28 -6.71
C LEU C 73 16.74 -30.15 -5.60
N GLY C 74 16.31 -29.76 -4.42
CA GLY C 74 17.23 -29.61 -3.31
C GLY C 74 17.71 -30.95 -2.77
N LYS C 75 16.86 -31.97 -2.91
CA LYS C 75 17.22 -33.31 -2.46
C LYS C 75 18.18 -33.96 -3.45
N LEU C 76 18.12 -33.54 -4.70
CA LEU C 76 18.80 -34.28 -5.74
C LEU C 76 20.07 -33.60 -6.32
N TYR C 77 20.05 -32.29 -6.52
CA TYR C 77 21.27 -31.63 -7.03
C TYR C 77 22.04 -30.86 -5.95
N ASP C 78 23.22 -30.38 -6.33
CA ASP C 78 24.08 -29.65 -5.41
C ASP C 78 24.04 -28.16 -5.70
N TYR C 79 23.78 -27.37 -4.65
CA TYR C 79 23.78 -25.93 -4.79
C TYR C 79 24.67 -25.30 -3.74
N ASP C 80 25.11 -24.08 -4.00
CA ASP C 80 25.86 -23.38 -2.99
C ASP C 80 24.92 -22.88 -1.92
N ILE C 81 23.71 -22.49 -2.32
CA ILE C 81 22.72 -21.97 -1.39
C ILE C 81 21.33 -22.12 -1.99
N ILE C 82 20.32 -22.25 -1.14
CA ILE C 82 18.94 -22.24 -1.56
C ILE C 82 18.24 -21.00 -1.04
N LEU C 83 17.77 -20.13 -1.93
CA LEU C 83 16.91 -19.04 -1.52
C LEU C 83 15.45 -19.50 -1.49
N LEU C 84 14.81 -19.39 -0.33
CA LEU C 84 13.49 -19.97 -0.10
C LEU C 84 12.48 -18.95 0.42
N ASP C 85 11.38 -18.78 -0.30
CA ASP C 85 10.29 -17.91 0.15
C ASP C 85 9.42 -18.67 1.15
N LEU C 86 8.91 -17.97 2.16
CA LEU C 86 7.95 -18.60 3.07
C LEU C 86 6.58 -18.73 2.39
N ASN C 87 6.25 -17.68 1.64
CA ASN C 87 5.00 -17.55 0.91
C ASN C 87 5.02 -18.37 -0.40
N LEU C 88 4.61 -19.64 -0.31
CA LEU C 88 4.48 -20.53 -1.46
C LEU C 88 3.07 -21.12 -1.60
N PRO C 89 2.64 -21.41 -2.85
CA PRO C 89 1.27 -21.88 -3.15
C PRO C 89 0.92 -23.28 -2.67
N ASP C 90 1.74 -24.28 -2.99
CA ASP C 90 1.39 -25.68 -2.79
C ASP C 90 1.69 -26.22 -1.40
N MET C 91 2.26 -25.36 -0.55
CA MET C 91 2.71 -25.74 0.80
C MET C 91 3.36 -24.53 1.45
N SER C 92 3.67 -24.64 2.74
CA SER C 92 4.41 -23.56 3.38
C SER C 92 5.91 -23.63 3.06
N GLY C 93 6.53 -22.47 2.95
CA GLY C 93 7.98 -22.40 2.94
C GLY C 93 8.64 -23.26 4.01
N TYR C 94 8.06 -23.26 5.22
CA TYR C 94 8.56 -24.06 6.34
C TYR C 94 8.53 -25.55 6.05
N GLU C 95 7.58 -26.00 5.25
CA GLU C 95 7.54 -27.42 4.97
C GLU C 95 8.69 -27.78 4.04
N VAL C 96 9.04 -26.86 3.15
CA VAL C 96 10.13 -27.08 2.23
C VAL C 96 11.40 -27.28 3.03
N LEU C 97 11.62 -26.33 3.93
CA LEU C 97 12.72 -26.34 4.89
C LEU C 97 12.76 -27.64 5.70
N ARG C 98 11.69 -27.87 6.46
CA ARG C 98 11.61 -29.03 7.34
C ARG C 98 11.80 -30.34 6.59
N THR C 99 11.33 -30.41 5.36
CA THR C 99 11.48 -31.66 4.61
C THR C 99 12.91 -31.83 4.13
N LEU C 100 13.50 -30.76 3.61
CA LEU C 100 14.90 -30.80 3.19
C LEU C 100 15.82 -31.25 4.35
N ARG C 101 15.63 -30.69 5.54
CA ARG C 101 16.51 -31.07 6.64
C ARG C 101 16.19 -32.48 7.15
N LEU C 102 14.92 -32.85 7.24
CA LEU C 102 14.57 -34.24 7.59
C LEU C 102 15.16 -35.25 6.58
N SER C 103 15.29 -34.85 5.31
CA SER C 103 15.97 -35.68 4.31
C SER C 103 17.50 -35.50 4.31
N LYS C 104 18.00 -34.73 5.29
CA LYS C 104 19.43 -34.55 5.53
C LYS C 104 20.21 -33.83 4.40
N VAL C 105 19.54 -32.86 3.80
CA VAL C 105 20.20 -31.89 2.93
C VAL C 105 20.97 -30.86 3.77
N LYS C 106 22.26 -30.74 3.50
CA LYS C 106 23.12 -29.86 4.27
C LYS C 106 23.28 -28.53 3.55
N THR C 107 22.72 -28.41 2.36
CA THR C 107 22.79 -27.16 1.61
C THR C 107 22.27 -26.01 2.46
N PRO C 108 23.05 -24.93 2.55
CA PRO C 108 22.57 -23.77 3.33
C PRO C 108 21.36 -23.11 2.70
N ILE C 109 20.37 -22.81 3.52
CA ILE C 109 19.11 -22.24 3.10
C ILE C 109 18.90 -20.87 3.70
N LEU C 110 18.82 -19.86 2.83
CA LEU C 110 18.42 -18.50 3.19
C LEU C 110 16.93 -18.32 2.94
N ILE C 111 16.19 -17.96 3.98
CA ILE C 111 14.76 -17.72 3.87
C ILE C 111 14.40 -16.26 3.57
N LEU C 112 13.50 -16.05 2.62
CA LEU C 112 12.98 -14.73 2.32
C LEU C 112 11.50 -14.60 2.72
N SER C 113 11.18 -13.46 3.30
CA SER C 113 9.81 -13.17 3.68
C SER C 113 9.41 -11.77 3.21
N GLY C 114 8.15 -11.64 2.76
CA GLY C 114 7.60 -10.32 2.47
C GLY C 114 6.88 -9.79 3.71
N MET C 115 6.80 -10.69 4.71
CA MET C 115 6.02 -10.52 5.93
C MET C 115 6.91 -10.35 7.18
N ALA C 116 7.30 -9.12 7.52
CA ALA C 116 8.20 -8.88 8.67
C ALA C 116 7.68 -9.48 10.00
N GLY C 117 8.56 -9.53 11.01
CA GLY C 117 8.25 -10.14 12.29
C GLY C 117 9.43 -10.92 12.84
N ILE C 118 9.76 -10.70 14.11
CA ILE C 118 10.84 -11.45 14.75
C ILE C 118 10.46 -12.94 14.81
N GLU C 119 9.19 -13.21 15.10
CA GLU C 119 8.69 -14.57 15.31
C GLU C 119 8.92 -15.48 14.11
N ASP C 120 8.97 -14.88 12.93
CA ASP C 120 9.12 -15.63 11.70
C ASP C 120 10.57 -16.08 11.53
N LYS C 121 11.50 -15.18 11.80
CA LYS C 121 12.92 -15.50 11.78
C LYS C 121 13.23 -16.67 12.73
N VAL C 122 12.85 -16.52 14.00
CA VAL C 122 13.10 -17.52 15.02
C VAL C 122 12.50 -18.89 14.67
N ARG C 123 11.26 -18.91 14.18
CA ARG C 123 10.66 -20.17 13.73
C ARG C 123 11.52 -20.78 12.62
N GLY C 124 11.99 -19.93 11.70
CA GLY C 124 12.88 -20.37 10.63
C GLY C 124 14.16 -21.00 11.17
N LEU C 125 14.80 -20.32 12.10
CA LEU C 125 15.97 -20.87 12.75
C LEU C 125 15.63 -22.19 13.45
N GLY C 126 14.43 -22.30 14.02
CA GLY C 126 14.02 -23.53 14.67
C GLY C 126 13.88 -24.70 13.71
N PHE C 127 13.56 -24.40 12.45
CA PHE C 127 13.32 -25.44 11.44
C PHE C 127 14.57 -25.78 10.64
N GLY C 128 15.65 -25.03 10.85
CA GLY C 128 16.94 -25.36 10.26
C GLY C 128 17.43 -24.41 9.18
N ALA C 129 16.91 -23.19 9.16
CA ALA C 129 17.38 -22.18 8.21
C ALA C 129 18.69 -21.61 8.67
N ASP C 130 19.51 -21.20 7.71
CA ASP C 130 20.76 -20.52 8.03
C ASP C 130 20.60 -19.06 8.32
N ASP C 131 19.69 -18.39 7.62
CA ASP C 131 19.51 -16.95 7.80
C ASP C 131 18.13 -16.55 7.30
N TYR C 132 17.80 -15.27 7.51
CA TYR C 132 16.47 -14.73 7.22
C TYR C 132 16.62 -13.31 6.65
N MET C 133 15.78 -13.01 5.66
CA MET C 133 15.72 -11.68 5.09
C MET C 133 14.29 -11.28 4.77
N THR C 134 14.01 -9.99 4.89
CA THR C 134 12.73 -9.43 4.53
C THR C 134 12.83 -8.60 3.27
N LYS C 135 11.79 -8.70 2.44
CA LYS C 135 11.62 -7.84 1.28
C LYS C 135 11.10 -6.48 1.72
N PRO C 136 11.51 -5.41 1.03
CA PRO C 136 12.47 -5.49 -0.07
C PRO C 136 13.90 -5.50 0.48
N PHE C 137 14.85 -5.79 -0.40
CA PHE C 137 16.26 -5.68 -0.05
C PHE C 137 17.02 -5.14 -1.21
N HIS C 138 18.18 -4.55 -0.91
CA HIS C 138 19.08 -4.13 -1.95
C HIS C 138 19.98 -5.28 -2.43
N LYS C 139 20.45 -5.19 -3.67
CA LYS C 139 21.40 -6.14 -4.24
C LYS C 139 22.61 -6.39 -3.32
N ASP C 140 23.18 -5.32 -2.78
CA ASP C 140 24.36 -5.40 -1.92
C ASP C 140 24.11 -6.30 -0.70
N GLU C 141 22.91 -6.23 -0.13
CA GLU C 141 22.63 -6.99 1.07
C GLU C 141 22.50 -8.47 0.75
N LEU C 142 21.79 -8.79 -0.33
CA LEU C 142 21.58 -10.17 -0.71
C LEU C 142 22.89 -10.87 -1.04
N ILE C 143 23.72 -10.21 -1.84
CA ILE C 143 25.02 -10.73 -2.22
C ILE C 143 25.92 -10.91 -0.99
N ALA C 144 25.96 -9.91 -0.12
CA ALA C 144 26.77 -10.00 1.08
C ALA C 144 26.36 -11.17 1.98
N ARG C 145 25.06 -11.42 2.14
CA ARG C 145 24.61 -12.52 3.00
C ARG C 145 24.89 -13.86 2.37
N ILE C 146 24.83 -13.91 1.04
CA ILE C 146 25.10 -15.18 0.36
C ILE C 146 26.56 -15.62 0.59
N HIS C 147 27.50 -14.71 0.41
CA HIS C 147 28.91 -15.01 0.66
C HIS C 147 29.12 -15.39 2.11
N ALA C 148 28.54 -14.60 3.02
CA ALA C 148 28.67 -14.86 4.46
C ALA C 148 28.19 -16.27 4.84
N ILE C 149 27.06 -16.67 4.27
CA ILE C 149 26.46 -17.96 4.56
C ILE C 149 27.25 -19.11 3.96
N VAL C 150 27.67 -18.94 2.69
CA VAL C 150 28.28 -20.02 1.92
C VAL C 150 29.79 -20.16 2.21
N ARG C 151 30.43 -19.02 2.50
CA ARG C 151 31.86 -18.92 2.83
C ARG C 151 32.79 -19.04 1.63
N ARG C 152 32.36 -18.56 0.45
CA ARG C 152 33.25 -18.47 -0.71
C ARG C 152 32.87 -17.32 -1.64
N ARG D 32 6.93 32.81 -26.61
CA ARG D 32 6.58 31.40 -26.80
C ARG D 32 5.25 31.26 -27.53
N GLY D 33 4.24 32.01 -27.09
CA GLY D 33 2.92 31.97 -27.71
C GLY D 33 2.13 30.72 -27.37
N SER D 34 2.72 29.85 -26.57
CA SER D 34 2.08 28.61 -26.15
C SER D 34 1.22 28.82 -24.90
N MET D 35 0.66 27.72 -24.39
CA MET D 35 -0.36 27.77 -23.35
C MET D 35 0.19 28.25 -21.99
N ARG D 36 -0.63 29.03 -21.28
CA ARG D 36 -0.25 29.58 -19.97
C ARG D 36 -1.10 28.94 -18.86
N VAL D 37 -0.44 28.31 -17.88
CA VAL D 37 -1.13 27.50 -16.89
C VAL D 37 -0.81 27.94 -15.48
N LEU D 38 -1.83 28.23 -14.68
CA LEU D 38 -1.66 28.41 -13.24
C LEU D 38 -1.97 27.09 -12.52
N LEU D 39 -1.00 26.61 -11.75
CA LEU D 39 -1.19 25.39 -11.00
C LEU D 39 -1.22 25.73 -9.54
N ILE D 40 -2.40 25.58 -8.93
CA ILE D 40 -2.59 25.86 -7.52
C ILE D 40 -2.46 24.55 -6.76
N GLU D 41 -1.47 24.49 -5.88
CA GLU D 41 -1.14 23.28 -5.16
C GLU D 41 -1.34 23.41 -3.66
N ASP D 42 -1.96 22.41 -3.04
CA ASP D 42 -2.04 22.41 -1.58
C ASP D 42 -0.85 21.65 -0.95
N ASP D 43 -0.11 20.91 -1.76
CA ASP D 43 1.12 20.28 -1.28
C ASP D 43 2.21 20.37 -2.33
N SER D 44 3.27 21.12 -2.01
CA SER D 44 4.38 21.41 -2.91
C SER D 44 5.08 20.16 -3.50
N ALA D 45 5.35 19.17 -2.67
CA ALA D 45 6.09 17.99 -3.12
C ALA D 45 5.25 17.13 -4.06
N ILE D 46 3.95 17.02 -3.82
CA ILE D 46 3.09 16.17 -4.65
C ILE D 46 2.98 16.72 -6.08
N ALA D 47 3.13 18.02 -6.22
CA ALA D 47 2.93 18.68 -7.50
C ALA D 47 4.09 18.52 -8.51
N GLN D 48 5.28 18.16 -8.05
CA GLN D 48 6.44 18.13 -8.94
C GLN D 48 6.17 17.27 -10.17
N SER D 49 5.58 16.11 -9.91
CA SER D 49 5.12 15.22 -10.96
C SER D 49 4.29 15.95 -12.01
N ILE D 50 3.38 16.81 -11.58
CA ILE D 50 2.47 17.47 -12.50
C ILE D 50 3.17 18.62 -13.23
N GLU D 51 4.00 19.38 -12.52
CA GLU D 51 4.78 20.45 -13.15
C GLU D 51 5.55 19.90 -14.35
N LEU D 52 6.25 18.80 -14.12
CA LEU D 52 7.11 18.23 -15.12
C LEU D 52 6.32 17.82 -16.35
N MET D 53 5.13 17.26 -16.15
CA MET D 53 4.32 16.83 -17.28
C MET D 53 3.87 18.01 -18.10
N LEU D 54 3.46 19.07 -17.42
CA LEU D 54 3.05 20.30 -18.08
C LEU D 54 4.23 20.95 -18.78
N LYS D 55 5.34 21.13 -18.06
CA LYS D 55 6.56 21.73 -18.64
C LYS D 55 7.04 20.95 -19.88
N SER D 56 7.10 19.64 -19.79
CA SER D 56 7.62 18.81 -20.88
C SER D 56 6.81 18.93 -22.17
N GLU D 57 5.67 19.60 -22.08
CA GLU D 57 4.82 19.82 -23.25
C GLU D 57 5.03 21.27 -23.76
N SER D 58 6.05 21.92 -23.16
CA SER D 58 6.42 23.31 -23.49
C SER D 58 5.37 24.30 -23.04
N PHE D 59 4.64 23.96 -21.98
CA PHE D 59 3.70 24.88 -21.36
C PHE D 59 4.48 25.86 -20.52
N ASN D 60 3.98 27.07 -20.39
CA ASN D 60 4.53 27.99 -19.43
C ASN D 60 3.73 27.79 -18.16
N VAL D 61 4.40 27.38 -17.09
CA VAL D 61 3.72 26.94 -15.89
C VAL D 61 4.07 27.80 -14.71
N TYR D 62 3.04 28.35 -14.09
CA TYR D 62 3.20 29.15 -12.89
C TYR D 62 2.54 28.42 -11.72
N THR D 63 3.15 28.47 -10.55
CA THR D 63 2.62 27.73 -9.40
C THR D 63 2.37 28.57 -8.14
N THR D 64 1.30 28.25 -7.41
CA THR D 64 1.03 28.80 -6.08
C THR D 64 0.94 27.68 -5.04
N ASP D 65 1.73 27.80 -3.99
CA ASP D 65 1.73 26.84 -2.90
C ASP D 65 0.84 27.38 -1.77
N LEU D 66 -0.36 26.83 -1.60
CA LEU D 66 -1.30 27.35 -0.61
C LEU D 66 -0.79 27.38 0.84
N GLY D 67 0.23 26.60 1.13
CA GLY D 67 0.83 26.60 2.45
C GLY D 67 1.93 27.66 2.55
N GLU D 68 2.06 28.46 1.51
CA GLU D 68 3.13 29.44 1.41
C GLU D 68 2.62 30.87 1.21
N GLU D 69 1.51 30.99 0.49
CA GLU D 69 0.94 32.27 0.11
C GLU D 69 -0.49 32.09 -0.37
N GLY D 70 -1.34 33.09 -0.12
CA GLY D 70 -2.68 33.05 -0.65
C GLY D 70 -2.64 33.15 -2.17
N ILE D 71 -3.79 33.07 -2.80
CA ILE D 71 -3.86 33.28 -4.23
C ILE D 71 -4.14 34.75 -4.56
N ASP D 72 -3.32 35.34 -5.43
CA ASP D 72 -3.61 36.63 -5.99
C ASP D 72 -4.76 36.47 -7.00
N LEU D 73 -5.97 36.87 -6.62
CA LEU D 73 -7.14 36.71 -7.50
C LEU D 73 -7.19 37.78 -8.58
N GLY D 74 -6.27 38.74 -8.51
CA GLY D 74 -6.16 39.76 -9.52
C GLY D 74 -5.53 39.26 -10.80
N LYS D 75 -4.76 38.18 -10.72
CA LYS D 75 -4.01 37.68 -11.90
C LYS D 75 -4.67 36.54 -12.68
N LEU D 76 -5.95 36.25 -12.45
CA LEU D 76 -6.53 35.02 -13.00
C LEU D 76 -6.96 35.13 -14.46
N TYR D 77 -7.09 36.32 -15.03
N TYR D 77 -7.43 36.32 -14.80
CA TYR D 77 -7.55 36.42 -16.43
CA TYR D 77 -7.27 36.80 -16.13
C TYR D 77 -6.40 36.36 -17.47
C TYR D 77 -5.77 36.70 -16.19
N ASP D 78 -5.26 35.85 -17.04
CA ASP D 78 -3.91 35.96 -17.63
C ASP D 78 -3.37 34.58 -17.94
N TYR D 79 -4.17 33.58 -17.60
CA TYR D 79 -3.81 32.19 -17.83
C TYR D 79 -4.86 31.61 -18.74
N ASP D 80 -4.48 30.56 -19.46
CA ASP D 80 -5.43 29.88 -20.32
C ASP D 80 -6.27 28.91 -19.50
N ILE D 81 -5.69 28.38 -18.44
CA ILE D 81 -6.37 27.39 -17.62
C ILE D 81 -5.79 27.40 -16.21
N ILE D 82 -6.65 27.12 -15.23
CA ILE D 82 -6.21 26.97 -13.83
C ILE D 82 -6.30 25.53 -13.35
N LEU D 83 -5.18 24.93 -12.93
CA LEU D 83 -5.25 23.60 -12.34
C LEU D 83 -5.26 23.71 -10.85
N LEU D 84 -6.27 23.11 -10.23
CA LEU D 84 -6.24 23.00 -8.78
C LEU D 84 -5.92 21.56 -8.40
N ASP D 85 -4.85 21.38 -7.63
CA ASP D 85 -4.40 20.06 -7.21
C ASP D 85 -4.69 19.81 -5.74
N LEU D 86 -5.69 18.98 -5.43
CA LEU D 86 -6.05 18.75 -4.01
C LEU D 86 -5.66 17.36 -3.50
N ASN D 87 -5.02 17.33 -2.34
CA ASN D 87 -4.54 16.07 -1.73
C ASN D 87 -4.70 16.08 -0.21
N LEU D 88 -4.40 17.22 0.43
CA LEU D 88 -4.41 17.37 1.88
C LEU D 88 -5.67 18.06 2.41
N PRO D 89 -6.60 17.30 3.00
CA PRO D 89 -7.87 17.85 3.51
C PRO D 89 -7.74 18.95 4.58
N ASP D 90 -6.66 18.93 5.37
CA ASP D 90 -6.45 19.96 6.40
C ASP D 90 -6.01 21.30 5.78
N MET D 91 -5.63 21.27 4.51
CA MET D 91 -5.28 22.49 3.77
C MET D 91 -6.51 23.19 3.17
N SER D 92 -7.63 22.46 3.12
CA SER D 92 -8.91 23.00 2.70
C SER D 92 -8.90 23.70 1.33
N GLY D 93 -7.97 23.34 0.46
CA GLY D 93 -7.96 23.84 -0.91
C GLY D 93 -9.30 23.75 -1.66
N TYR D 94 -10.22 22.95 -1.12
CA TYR D 94 -11.57 22.90 -1.65
C TYR D 94 -12.28 24.24 -1.42
N GLU D 95 -12.06 24.82 -0.24
CA GLU D 95 -12.57 26.15 0.07
C GLU D 95 -12.13 27.19 -0.98
N VAL D 96 -10.90 27.10 -1.39
CA VAL D 96 -10.39 28.01 -2.40
C VAL D 96 -11.16 27.85 -3.71
N LEU D 97 -11.47 26.61 -4.03
CA LEU D 97 -12.23 26.33 -5.24
C LEU D 97 -13.61 26.97 -5.14
N ARG D 98 -14.17 26.99 -3.94
CA ARG D 98 -15.51 27.58 -3.75
C ARG D 98 -15.45 29.06 -4.04
N THR D 99 -14.50 29.71 -3.39
CA THR D 99 -14.28 31.13 -3.59
C THR D 99 -14.11 31.46 -5.07
N LEU D 100 -13.25 30.74 -5.77
CA LEU D 100 -13.11 30.90 -7.21
C LEU D 100 -14.44 30.76 -7.97
N ARG D 101 -15.27 29.83 -7.54
CA ARG D 101 -16.53 29.55 -8.23
C ARG D 101 -17.54 30.67 -8.00
N LEU D 102 -17.72 31.03 -6.73
CA LEU D 102 -18.67 32.06 -6.33
C LEU D 102 -18.25 33.44 -6.82
N SER D 103 -16.96 33.61 -7.13
CA SER D 103 -16.43 34.85 -7.67
C SER D 103 -16.58 34.93 -9.18
N LYS D 104 -17.02 33.83 -9.78
CA LYS D 104 -17.28 33.76 -11.21
C LYS D 104 -16.04 34.08 -12.07
N VAL D 105 -14.89 33.59 -11.62
CA VAL D 105 -13.68 33.59 -12.43
C VAL D 105 -13.97 33.06 -13.83
N LYS D 106 -13.40 33.67 -14.85
CA LYS D 106 -13.76 33.34 -16.22
C LYS D 106 -12.81 32.30 -16.79
N THR D 107 -11.58 32.27 -16.30
CA THR D 107 -10.61 31.27 -16.71
C THR D 107 -11.11 29.89 -16.29
N PRO D 108 -11.11 28.93 -17.23
CA PRO D 108 -11.62 27.59 -16.87
C PRO D 108 -10.71 26.89 -15.84
N ILE D 109 -11.32 26.08 -15.01
CA ILE D 109 -10.62 25.41 -13.93
C ILE D 109 -10.71 23.90 -14.07
N LEU D 110 -9.55 23.23 -14.01
CA LEU D 110 -9.48 21.77 -13.99
C LEU D 110 -9.03 21.31 -12.62
N ILE D 111 -9.86 20.51 -11.97
CA ILE D 111 -9.52 20.00 -10.64
C ILE D 111 -8.87 18.62 -10.71
N LEU D 112 -7.79 18.43 -9.96
CA LEU D 112 -7.04 17.19 -9.97
C LEU D 112 -7.00 16.63 -8.58
N SER D 113 -7.60 15.47 -8.35
CA SER D 113 -7.53 14.90 -7.01
C SER D 113 -7.50 13.39 -6.95
N GLY D 114 -6.76 12.87 -5.98
CA GLY D 114 -6.88 11.46 -5.66
C GLY D 114 -7.75 11.20 -4.42
N MET D 115 -8.16 12.28 -3.75
CA MET D 115 -8.98 12.22 -2.52
C MET D 115 -10.37 11.63 -2.70
N ALA D 116 -10.72 10.70 -1.79
CA ALA D 116 -12.06 10.16 -1.75
C ALA D 116 -12.98 11.22 -1.15
N GLY D 117 -14.14 11.41 -1.76
CA GLY D 117 -15.14 12.31 -1.24
C GLY D 117 -15.20 13.62 -2.00
N ILE D 118 -14.05 14.02 -2.51
CA ILE D 118 -13.92 15.30 -3.22
C ILE D 118 -14.73 15.34 -4.52
N GLU D 119 -14.75 14.25 -5.30
CA GLU D 119 -15.53 14.24 -6.54
C GLU D 119 -17.00 14.66 -6.32
N ASP D 120 -17.59 14.27 -5.19
CA ASP D 120 -18.98 14.63 -4.93
C ASP D 120 -19.12 16.13 -4.61
N LYS D 121 -18.27 16.61 -3.70
CA LYS D 121 -18.25 18.01 -3.29
C LYS D 121 -18.02 18.95 -4.48
N VAL D 122 -17.18 18.52 -5.42
CA VAL D 122 -16.78 19.31 -6.59
C VAL D 122 -17.85 19.36 -7.70
N ARG D 123 -18.58 18.26 -7.89
CA ARG D 123 -19.69 18.24 -8.83
C ARG D 123 -20.89 18.99 -8.24
N GLY D 124 -20.95 19.02 -6.91
CA GLY D 124 -21.98 19.77 -6.20
C GLY D 124 -21.91 21.28 -6.37
N LEU D 125 -20.70 21.79 -6.61
CA LEU D 125 -20.46 23.21 -6.89
C LEU D 125 -20.88 23.62 -8.31
N GLY D 126 -21.23 22.64 -9.14
CA GLY D 126 -21.67 22.93 -10.49
C GLY D 126 -20.63 22.64 -11.57
N PHE D 127 -19.56 21.94 -11.19
CA PHE D 127 -18.51 21.59 -12.14
C PHE D 127 -18.92 20.36 -12.94
N GLY D 128 -18.50 20.32 -14.20
CA GLY D 128 -18.87 19.25 -15.11
C GLY D 128 -18.08 17.99 -14.87
N ALA D 129 -18.30 16.97 -15.69
CA ALA D 129 -17.54 15.74 -15.53
C ALA D 129 -16.12 15.92 -16.07
N ASP D 130 -15.97 16.69 -17.15
CA ASP D 130 -14.65 16.92 -17.74
C ASP D 130 -13.83 17.98 -16.98
N ASP D 131 -14.44 18.62 -15.98
CA ASP D 131 -13.74 19.62 -15.18
C ASP D 131 -12.97 18.95 -14.03
N TYR D 132 -13.12 17.63 -13.93
CA TYR D 132 -12.52 16.88 -12.83
C TYR D 132 -11.68 15.70 -13.35
N MET D 133 -10.59 15.39 -12.65
CA MET D 133 -9.74 14.25 -13.02
C MET D 133 -9.19 13.57 -11.76
N THR D 134 -9.52 12.30 -11.62
CA THR D 134 -9.05 11.49 -10.51
C THR D 134 -7.60 11.05 -10.72
N LYS D 135 -6.86 10.95 -9.62
CA LYS D 135 -5.48 10.51 -9.64
C LYS D 135 -5.39 9.03 -9.23
N PRO D 136 -4.48 8.28 -9.85
CA PRO D 136 -3.56 8.75 -10.89
C PRO D 136 -4.15 8.71 -12.31
N PHE D 137 -3.48 9.34 -13.26
CA PHE D 137 -3.95 9.40 -14.65
C PHE D 137 -2.74 9.33 -15.56
N HIS D 138 -2.95 9.01 -16.84
CA HIS D 138 -1.85 9.00 -17.80
C HIS D 138 -1.56 10.42 -18.24
N LYS D 139 -0.29 10.70 -18.50
CA LYS D 139 0.12 11.99 -19.03
C LYS D 139 -0.72 12.38 -20.25
N ASP D 140 -0.95 11.43 -21.15
CA ASP D 140 -1.76 11.71 -22.34
C ASP D 140 -3.13 12.29 -21.99
N GLU D 141 -3.67 11.82 -20.87
CA GLU D 141 -5.04 12.15 -20.49
C GLU D 141 -5.15 13.60 -20.01
N LEU D 142 -4.23 13.98 -19.12
CA LEU D 142 -4.08 15.34 -18.66
C LEU D 142 -3.90 16.33 -19.79
N ILE D 143 -2.95 16.06 -20.67
CA ILE D 143 -2.62 16.99 -21.75
C ILE D 143 -3.78 17.14 -22.72
N ALA D 144 -4.51 16.06 -22.96
CA ALA D 144 -5.62 16.12 -23.89
C ALA D 144 -6.80 16.87 -23.29
N ARG D 145 -7.04 16.68 -21.99
CA ARG D 145 -8.17 17.31 -21.32
C ARG D 145 -7.91 18.80 -21.19
N ILE D 146 -6.65 19.19 -21.02
CA ILE D 146 -6.29 20.60 -20.96
C ILE D 146 -6.59 21.26 -22.30
N HIS D 147 -6.16 20.64 -23.39
CA HIS D 147 -6.42 21.19 -24.72
C HIS D 147 -7.91 21.26 -25.00
N ALA D 148 -8.67 20.27 -24.54
CA ALA D 148 -10.12 20.24 -24.72
C ALA D 148 -10.85 21.40 -24.02
N ILE D 149 -10.41 21.71 -22.81
CA ILE D 149 -11.02 22.74 -21.98
C ILE D 149 -10.70 24.16 -22.51
N VAL D 150 -9.47 24.37 -22.93
CA VAL D 150 -9.05 25.66 -23.45
C VAL D 150 -9.69 25.99 -24.82
N ARG D 151 -9.88 24.98 -25.65
CA ARG D 151 -10.45 25.20 -26.99
C ARG D 151 -11.96 24.92 -27.03
N ARG D 152 -12.72 25.61 -26.18
CA ARG D 152 -14.17 25.44 -26.17
C ARG D 152 -14.87 26.76 -25.85
#